data_3I6N
#
_entry.id   3I6N
#
_cell.length_a   54.490
_cell.length_b   80.550
_cell.length_c   77.780
_cell.angle_alpha   90.00
_cell.angle_beta   102.66
_cell.angle_gamma   90.00
#
_symmetry.space_group_name_H-M   'P 1 21 1'
#
loop_
_entity.id
_entity.type
_entity.pdbx_description
1 polymer Lactoperoxidase
2 branched alpha-D-mannopyranose-(1-4)-2-acetamido-2-deoxy-beta-D-glucopyranose-(1-4)-2-acetamido-2-deoxy-beta-D-glucopyranose
3 branched 2-acetamido-2-deoxy-beta-D-glucopyranose-(1-4)-2-acetamido-2-deoxy-beta-D-glucopyranose
4 non-polymer 'PROTOPORPHYRIN IX CONTAINING FE'
5 non-polymer 4-(DIAZENYLCARBONYL)PYRIDINE
6 non-polymer 'IODIDE ION'
7 non-polymer 'CALCIUM ION'
8 non-polymer 'THIOCYANATE ION'
9 water water
#
_entity_poly.entity_id   1
_entity_poly.type   'polypeptide(L)'
_entity_poly.pdbx_seq_one_letter_code
;SWEVGCGAPVPLVKCDENSPYRTITGDCNNRRSPALGAANRALARWLPAEYEDGLALPFGWTQRKTRNGFRVPLAREVSN
KIVGYLDEEGVLDQNRSLLFMQWGQIVDHDLDFAPETELGSNEHSKTQCEEYCIQGDNCFPIMFPKNDPKLKTQGKCMPF
FRAGFVCPTPPYQSLAREQINAVTSFLDASLVYGSEP(SEP)LASRLRNLSSPLGLMAVNQEAWDHGLAYLPFNNKKPSP
CEFINTTARVPCFLAGDFRASEQILLATAHTLLLREHNRLARELKKLNPHWNGEKLYQEARKILGAFIQIITFRDYLPIV
LGSEMQKWIPPYQGYNNSVDPRISNVFTFAFRFGHMEVPSTVSRLDENYQPWGPEAELPLHTLFFNTWRIIKDGGIDPLV
RGLLAKKSKLMNQDKMVTSELRNKLFQPTHKIHGFDLAAINLQRCRDHGMPGYNSWRGFCGLSQPKTLKGLQTVLKNKIL
AKKLMDLYKTPDNIDIWIGGNAEPMVERGRVGPLLACLLGRQFQQIRDGDRFWWENPGVFTEKQRDSLQKVSFSRLICDN
THITKVPLHAFQANNYPHDFVDCSTVDKLDLSPWASREN
;
_entity_poly.pdbx_strand_id   A
#
loop_
_chem_comp.id
_chem_comp.type
_chem_comp.name
_chem_comp.formula
CA non-polymer 'CALCIUM ION' 'Ca 2'
HEM non-polymer 'PROTOPORPHYRIN IX CONTAINING FE' 'C34 H32 Fe N4 O4'
IOD non-polymer 'IODIDE ION' 'I -1'
ISZ non-polymer 4-(DIAZENYLCARBONYL)PYRIDINE 'C6 H5 N3 O'
MAN D-saccharide, alpha linking alpha-D-mannopyranose 'C6 H12 O6'
NAG D-saccharide, beta linking 2-acetamido-2-deoxy-beta-D-glucopyranose 'C8 H15 N O6'
SCN non-polymer 'THIOCYANATE ION' 'C N S -1'
#
# COMPACT_ATOMS: atom_id res chain seq x y z
N SER A 1 -21.68 -25.22 2.31
CA SER A 1 -20.72 -24.63 1.32
C SER A 1 -21.44 -24.19 0.03
N TRP A 2 -21.07 -22.97 -0.39
CA TRP A 2 -21.86 -22.00 -1.21
C TRP A 2 -22.73 -21.12 -0.35
N GLU A 3 -22.28 -19.89 -0.17
CA GLU A 3 -23.14 -18.90 0.44
C GLU A 3 -23.82 -17.93 -0.53
N VAL A 4 -23.00 -17.05 -1.12
CA VAL A 4 -23.41 -16.02 -2.10
C VAL A 4 -24.41 -15.00 -1.51
N GLY A 5 -25.11 -15.43 -0.45
CA GLY A 5 -25.98 -14.57 0.36
C GLY A 5 -25.22 -13.53 1.18
N CYS A 6 -24.91 -13.86 2.45
CA CYS A 6 -24.39 -12.91 3.49
C CYS A 6 -23.74 -11.64 2.90
N GLY A 7 -24.26 -10.48 3.29
CA GLY A 7 -23.71 -9.20 2.88
C GLY A 7 -24.46 -7.97 3.37
N ALA A 8 -24.47 -7.66 4.76
CA ALA A 8 -25.13 -6.42 5.21
C ALA A 8 -24.47 -5.18 4.59
N PRO A 9 -23.17 -4.94 4.88
CA PRO A 9 -22.54 -3.86 4.11
C PRO A 9 -22.67 -4.08 2.60
N VAL A 10 -23.62 -3.34 2.03
CA VAL A 10 -23.59 -2.99 0.63
C VAL A 10 -22.51 -1.87 0.62
N PRO A 11 -22.82 -0.60 0.27
CA PRO A 11 -24.05 0.09 -0.19
C PRO A 11 -24.25 -0.09 -1.71
N LEU A 12 -25.44 -0.55 -2.10
CA LEU A 12 -25.71 -0.93 -3.51
C LEU A 12 -26.07 0.30 -4.38
N VAL A 13 -25.86 0.23 -5.70
CA VAL A 13 -26.21 1.30 -6.69
C VAL A 13 -26.74 0.63 -7.96
N LYS A 14 -27.31 1.46 -8.81
CA LYS A 14 -27.86 1.01 -10.08
C LYS A 14 -26.76 1.19 -11.12
N CYS A 15 -26.59 0.23 -12.02
CA CYS A 15 -25.55 0.30 -13.06
C CYS A 15 -26.02 0.96 -14.36
N ASP A 16 -25.16 1.75 -14.98
CA ASP A 16 -25.51 2.41 -16.24
C ASP A 16 -25.21 1.58 -17.49
N GLU A 17 -24.10 0.83 -17.46
CA GLU A 17 -23.73 -0.05 -18.58
C GLU A 17 -23.26 0.60 -19.86
N ASN A 18 -23.47 1.91 -19.98
CA ASN A 18 -23.06 2.63 -21.17
C ASN A 18 -22.31 3.84 -20.72
N SER A 19 -22.06 3.87 -19.42
CA SER A 19 -21.29 4.96 -18.83
C SER A 19 -19.88 4.64 -19.22
N PRO A 20 -19.14 5.63 -19.72
CA PRO A 20 -17.77 5.33 -20.11
C PRO A 20 -16.80 5.55 -18.94
N TYR A 21 -17.35 5.82 -17.76
CA TYR A 21 -16.52 6.08 -16.59
C TYR A 21 -16.73 5.07 -15.45
N ARG A 22 -15.66 4.80 -14.71
CA ARG A 22 -15.72 3.85 -13.59
C ARG A 22 -16.58 4.44 -12.49
N THR A 23 -17.24 3.59 -11.71
CA THR A 23 -18.03 4.08 -10.58
C THR A 23 -16.94 4.40 -9.56
N ILE A 24 -17.33 4.99 -8.44
CA ILE A 24 -16.33 5.30 -7.43
C ILE A 24 -16.17 4.11 -6.49
N THR A 25 -17.25 3.36 -6.29
CA THR A 25 -17.21 2.19 -5.41
C THR A 25 -16.66 0.94 -6.07
N GLY A 26 -16.36 1.01 -7.37
CA GLY A 26 -15.83 -0.15 -8.05
C GLY A 26 -16.93 -1.04 -8.58
N ASP A 27 -18.16 -0.75 -8.18
CA ASP A 27 -19.31 -1.51 -8.65
C ASP A 27 -19.48 -1.41 -10.15
N CYS A 28 -20.31 -2.29 -10.70
CA CYS A 28 -20.63 -2.32 -12.12
C CYS A 28 -19.50 -2.57 -13.09
N ASN A 29 -18.30 -2.89 -12.62
CA ASN A 29 -17.23 -3.11 -13.57
C ASN A 29 -17.59 -4.33 -14.41
N ASN A 30 -17.93 -5.41 -13.72
CA ASN A 30 -18.32 -6.66 -14.32
C ASN A 30 -19.83 -6.61 -14.48
N ARG A 31 -20.33 -6.73 -15.70
CA ARG A 31 -21.76 -6.66 -15.97
C ARG A 31 -22.57 -7.85 -15.45
N ARG A 32 -22.08 -9.12 -15.72
CA ARG A 32 -22.78 -10.30 -15.22
C ARG A 32 -22.87 -10.32 -13.68
N SER A 33 -21.76 -10.05 -13.03
CA SER A 33 -21.67 -10.06 -11.57
C SER A 33 -21.16 -8.69 -11.03
N PRO A 34 -22.07 -7.71 -10.96
CA PRO A 34 -21.76 -6.30 -10.73
C PRO A 34 -21.02 -5.89 -9.45
N ALA A 35 -20.93 -6.74 -8.44
CA ALA A 35 -20.22 -6.33 -7.23
C ALA A 35 -18.74 -6.79 -7.17
N LEU A 36 -18.34 -7.52 -8.22
CA LEU A 36 -17.00 -8.08 -8.27
C LEU A 36 -15.94 -6.99 -8.35
N GLY A 37 -15.17 -6.84 -7.27
CA GLY A 37 -14.13 -5.84 -7.24
C GLY A 37 -14.53 -4.52 -6.60
N ALA A 38 -15.71 -4.49 -5.99
CA ALA A 38 -16.21 -3.28 -5.32
C ALA A 38 -15.59 -3.10 -3.95
N ALA A 39 -15.62 -1.86 -3.47
CA ALA A 39 -15.10 -1.53 -2.15
C ALA A 39 -16.05 -2.07 -1.08
N ASN A 40 -15.53 -2.35 0.10
CA ASN A 40 -16.34 -2.86 1.21
C ASN A 40 -16.93 -4.24 1.09
N ARG A 41 -16.18 -5.17 0.53
CA ARG A 41 -16.68 -6.53 0.43
C ARG A 41 -15.56 -7.41 0.93
N ALA A 42 -15.86 -8.67 1.18
CA ALA A 42 -14.83 -9.57 1.68
C ALA A 42 -13.66 -9.67 0.73
N LEU A 43 -12.47 -9.86 1.28
CA LEU A 43 -11.28 -10.06 0.47
C LEU A 43 -11.57 -11.45 -0.10
N ALA A 44 -10.96 -11.79 -1.23
CA ALA A 44 -11.20 -13.11 -1.82
C ALA A 44 -10.32 -14.17 -1.11
N ARG A 45 -10.81 -15.41 -0.99
CA ARG A 45 -10.01 -16.45 -0.36
C ARG A 45 -9.53 -17.44 -1.39
N TRP A 46 -8.24 -17.40 -1.72
CA TRP A 46 -7.72 -18.34 -2.68
C TRP A 46 -7.67 -19.74 -2.09
N LEU A 47 -7.58 -19.79 -0.77
CA LEU A 47 -7.54 -21.05 -0.03
C LEU A 47 -8.40 -20.90 1.21
N PRO A 48 -8.92 -22.01 1.72
CA PRO A 48 -9.76 -22.03 2.92
C PRO A 48 -9.04 -21.41 4.11
N ALA A 49 -9.75 -20.62 4.89
CA ALA A 49 -9.14 -19.99 6.06
C ALA A 49 -8.68 -21.07 7.01
N GLU A 50 -7.64 -20.77 7.78
CA GLU A 50 -7.13 -21.71 8.76
C GLU A 50 -7.09 -21.01 10.09
N TYR A 51 -8.19 -21.12 10.84
CA TYR A 51 -8.29 -20.52 12.17
C TYR A 51 -8.17 -21.61 13.22
N GLU A 52 -7.79 -21.20 14.41
CA GLU A 52 -7.65 -22.10 15.56
C GLU A 52 -8.95 -22.85 15.85
N ASP A 53 -10.09 -22.17 15.89
CA ASP A 53 -11.35 -22.86 16.16
C ASP A 53 -12.06 -23.17 14.85
N GLY A 54 -11.28 -23.10 13.78
CA GLY A 54 -11.77 -23.39 12.44
C GLY A 54 -12.68 -22.33 11.86
N LEU A 55 -13.11 -21.39 12.71
CA LEU A 55 -14.03 -20.34 12.31
C LEU A 55 -13.56 -18.89 12.34
N ALA A 56 -13.04 -18.45 13.48
CA ALA A 56 -12.62 -17.07 13.61
C ALA A 56 -11.59 -16.79 14.71
N LEU A 57 -11.35 -17.75 15.58
CA LEU A 57 -10.35 -17.54 16.63
C LEU A 57 -8.98 -17.78 16.01
N PRO A 58 -8.11 -16.77 16.09
CA PRO A 58 -6.76 -16.83 15.53
C PRO A 58 -5.81 -17.77 16.28
N PHE A 59 -4.78 -18.24 15.58
CA PHE A 59 -3.82 -19.12 16.22
C PHE A 59 -3.03 -18.32 17.25
N GLY A 60 -2.80 -18.94 18.40
CA GLY A 60 -2.09 -18.25 19.46
C GLY A 60 -3.10 -17.54 20.35
N TRP A 61 -4.38 -17.64 20.03
CA TRP A 61 -5.40 -17.01 20.86
C TRP A 61 -5.53 -17.81 22.16
N THR A 62 -5.71 -19.12 22.03
CA THR A 62 -5.84 -19.99 23.20
C THR A 62 -4.53 -20.72 23.46
N GLN A 63 -3.85 -20.30 24.52
CA GLN A 63 -2.61 -20.84 25.02
C GLN A 63 -2.46 -22.37 24.89
N ARG A 64 -3.51 -23.01 25.41
CA ARG A 64 -3.43 -24.45 25.38
C ARG A 64 -3.62 -25.14 24.02
N LYS A 65 -3.96 -24.45 23.03
CA LYS A 65 -4.18 -25.05 21.71
C LYS A 65 -3.04 -24.82 20.71
N THR A 66 -2.46 -25.93 20.26
CA THR A 66 -1.37 -25.89 19.31
C THR A 66 -1.86 -25.81 17.88
N ARG A 67 -0.91 -25.71 16.97
CA ARG A 67 -1.15 -25.67 15.54
C ARG A 67 -0.24 -26.78 15.01
N ASN A 68 -0.83 -27.84 14.50
CA ASN A 68 -0.03 -28.95 14.00
C ASN A 68 0.85 -29.53 15.10
N GLY A 69 0.36 -29.45 16.32
CA GLY A 69 1.10 -30.00 17.44
C GLY A 69 1.97 -29.03 18.22
N PHE A 70 2.42 -27.96 17.59
CA PHE A 70 3.27 -27.06 18.33
C PHE A 70 2.66 -25.69 18.63
N ARG A 71 3.22 -25.00 19.61
CA ARG A 71 2.76 -23.67 19.98
C ARG A 71 3.31 -22.66 18.97
N VAL A 72 2.49 -21.71 18.56
CA VAL A 72 3.02 -20.72 17.64
C VAL A 72 3.77 -19.75 18.53
N PRO A 73 4.91 -19.25 18.06
CA PRO A 73 5.73 -18.30 18.80
C PRO A 73 5.15 -16.90 18.68
N LEU A 74 5.38 -16.09 19.70
CA LEU A 74 4.90 -14.72 19.75
C LEU A 74 5.38 -13.90 18.56
N ALA A 75 4.52 -13.02 18.06
CA ALA A 75 4.88 -12.18 16.94
C ALA A 75 6.19 -11.45 17.25
N ARG A 76 6.24 -10.80 18.40
CA ARG A 76 7.41 -10.03 18.83
C ARG A 76 8.69 -10.84 19.04
N GLU A 77 8.56 -12.09 19.47
CA GLU A 77 9.74 -12.92 19.69
C GLU A 77 10.40 -13.21 18.35
N VAL A 78 9.57 -13.50 17.36
CA VAL A 78 10.01 -13.77 16.00
C VAL A 78 10.64 -12.51 15.47
N SER A 79 10.01 -11.38 15.81
CA SER A 79 10.49 -10.07 15.40
C SER A 79 11.89 -9.86 15.96
N ASN A 80 12.05 -10.11 17.26
CA ASN A 80 13.33 -9.95 17.96
C ASN A 80 14.43 -10.86 17.45
N LYS A 81 14.11 -12.13 17.24
CA LYS A 81 15.11 -13.10 16.83
C LYS A 81 15.44 -13.22 15.35
N ILE A 82 14.47 -12.96 14.48
CA ILE A 82 14.70 -13.09 13.05
C ILE A 82 14.74 -11.79 12.28
N VAL A 83 13.76 -10.92 12.58
CA VAL A 83 13.51 -9.72 11.78
C VAL A 83 14.42 -8.53 12.07
N GLY A 84 14.87 -8.29 13.32
CA GLY A 84 15.64 -7.10 13.62
C GLY A 84 17.15 -7.13 13.45
N TYR A 85 17.74 -5.94 13.35
CA TYR A 85 19.20 -5.78 13.21
C TYR A 85 19.61 -4.36 13.66
N LEU A 86 20.92 -4.12 13.82
CA LEU A 86 21.40 -2.83 14.30
C LEU A 86 22.24 -1.96 13.34
N ASP A 87 23.00 -2.60 12.46
CA ASP A 87 23.91 -1.91 11.53
C ASP A 87 23.30 -1.45 10.19
N GLU A 88 22.98 -0.17 10.05
CA GLU A 88 22.40 0.34 8.79
C GLU A 88 23.41 0.49 7.66
N GLU A 89 24.70 0.28 7.95
CA GLU A 89 25.77 0.42 6.96
C GLU A 89 25.71 -0.75 5.97
N GLY A 90 25.83 -0.43 4.69
CA GLY A 90 25.82 -1.44 3.63
C GLY A 90 24.47 -2.05 3.32
N VAL A 91 23.42 -1.42 3.82
CA VAL A 91 22.06 -1.91 3.68
C VAL A 91 21.25 -1.47 2.45
N LEU A 92 21.68 -0.38 1.80
CA LEU A 92 20.97 0.19 0.65
C LEU A 92 21.03 -0.57 -0.68
N ASP A 93 19.92 -0.50 -1.41
CA ASP A 93 19.77 -1.15 -2.70
C ASP A 93 20.55 -0.39 -3.78
N GLN A 94 21.63 -0.98 -4.26
CA GLN A 94 22.47 -0.36 -5.28
C GLN A 94 21.78 0.03 -6.58
N ASN A 95 20.63 -0.56 -6.89
CA ASN A 95 20.01 -0.19 -8.15
C ASN A 95 18.51 0.10 -8.08
N ARG A 96 18.08 0.67 -6.95
CA ARG A 96 16.68 1.05 -6.75
C ARG A 96 16.58 2.36 -6.00
N SER A 97 16.01 3.37 -6.65
CA SER A 97 15.84 4.69 -6.04
C SER A 97 14.88 4.54 -4.86
N LEU A 98 14.74 5.60 -4.07
CA LEU A 98 13.85 5.57 -2.92
C LEU A 98 12.41 5.51 -3.46
N LEU A 99 12.25 5.95 -4.71
CA LEU A 99 10.94 5.96 -5.35
C LEU A 99 10.40 4.54 -5.58
N PHE A 100 11.29 3.57 -5.77
CA PHE A 100 10.90 2.18 -5.98
C PHE A 100 9.98 1.75 -4.82
N MET A 101 10.43 2.02 -3.60
CA MET A 101 9.66 1.67 -2.40
C MET A 101 8.36 2.44 -2.28
N GLN A 102 8.42 3.75 -2.49
CA GLN A 102 7.24 4.60 -2.36
C GLN A 102 6.15 4.36 -3.39
N TRP A 103 6.51 3.84 -4.56
CA TRP A 103 5.50 3.57 -5.58
C TRP A 103 4.74 2.32 -5.16
N GLY A 104 5.46 1.37 -4.56
CA GLY A 104 4.84 0.15 -4.11
C GLY A 104 3.75 0.49 -3.11
N GLN A 105 4.10 1.29 -2.10
CA GLN A 105 3.13 1.68 -1.09
C GLN A 105 1.89 2.35 -1.70
N ILE A 106 2.07 3.10 -2.78
CA ILE A 106 0.96 3.78 -3.46
C ILE A 106 0.05 2.74 -4.10
N VAL A 107 0.63 1.87 -4.92
CA VAL A 107 -0.10 0.81 -5.60
C VAL A 107 -0.89 -0.03 -4.60
N ASP A 108 -0.15 -0.60 -3.64
CA ASP A 108 -0.79 -1.40 -2.62
C ASP A 108 -1.99 -0.68 -2.00
N HIS A 109 -1.82 0.61 -1.68
CA HIS A 109 -2.92 1.40 -1.11
C HIS A 109 -4.09 1.68 -2.05
N ASP A 110 -3.85 1.57 -3.36
CA ASP A 110 -4.91 1.76 -4.30
C ASP A 110 -5.74 0.47 -4.35
N LEU A 111 -5.07 -0.64 -4.03
CA LEU A 111 -5.71 -1.96 -4.10
C LEU A 111 -6.34 -2.57 -2.85
N ASP A 112 -5.78 -2.34 -1.67
CA ASP A 112 -6.35 -2.94 -0.45
C ASP A 112 -6.26 -2.19 0.87
N PHE A 113 -7.23 -2.47 1.73
CA PHE A 113 -7.29 -1.89 3.06
C PHE A 113 -8.30 -2.66 3.90
N ALA A 114 -7.82 -3.29 4.96
CA ALA A 114 -8.68 -4.04 5.86
C ALA A 114 -8.59 -3.23 7.14
N PRO A 115 -9.42 -2.20 7.28
CA PRO A 115 -9.33 -1.42 8.52
C PRO A 115 -9.60 -2.23 9.78
N GLU A 116 -9.17 -1.70 10.93
CA GLU A 116 -9.40 -2.37 12.19
C GLU A 116 -10.85 -2.19 12.58
N THR A 117 -11.31 -2.98 13.59
CA THR A 117 -12.68 -2.87 14.10
C THR A 117 -12.85 -1.67 15.02
N GLU A 118 -14.03 -1.06 14.92
CA GLU A 118 -14.40 0.07 15.77
C GLU A 118 -15.19 -0.42 16.98
N LEU A 119 -16.52 -0.36 16.86
CA LEU A 119 -17.43 -0.63 17.98
C LEU A 119 -17.04 0.15 19.24
N GLY A 120 -16.23 1.20 19.04
CA GLY A 120 -15.65 1.93 20.15
C GLY A 120 -15.15 3.34 19.86
N SER A 121 -16.02 4.31 20.09
CA SER A 121 -15.69 5.73 20.15
C SER A 121 -16.55 6.25 21.30
N ASN A 122 -15.91 6.56 22.43
CA ASN A 122 -16.59 6.70 23.72
C ASN A 122 -16.45 5.34 24.43
N GLU A 123 -15.25 4.76 24.34
CA GLU A 123 -15.03 3.36 24.69
C GLU A 123 -13.94 3.11 25.74
N HIS A 124 -14.15 2.07 26.54
CA HIS A 124 -13.18 1.61 27.54
C HIS A 124 -12.39 0.40 27.08
N SER A 125 -12.94 -0.33 26.10
CA SER A 125 -12.26 -1.47 25.50
C SER A 125 -11.01 -1.01 24.75
N LYS A 126 -11.05 0.24 24.28
CA LYS A 126 -9.88 0.90 23.69
C LYS A 126 -8.78 1.06 24.73
N THR A 127 -9.17 0.97 26.00
CA THR A 127 -8.29 1.24 27.13
C THR A 127 -8.10 0.00 28.01
N GLN A 128 -9.13 -0.83 28.14
CA GLN A 128 -9.02 -2.13 28.82
C GLN A 128 -8.03 -3.04 28.08
N CYS A 129 -7.63 -2.59 26.89
CA CYS A 129 -6.68 -3.30 26.04
C CYS A 129 -5.30 -2.67 26.11
N GLU A 130 -5.24 -1.31 26.00
CA GLU A 130 -3.98 -0.57 26.04
C GLU A 130 -3.33 -0.67 27.43
N GLU A 131 -4.14 -0.51 28.48
CA GLU A 131 -3.66 -0.52 29.86
C GLU A 131 -3.37 -1.83 30.58
N TYR A 132 -4.21 -2.84 30.38
CA TYR A 132 -4.01 -4.09 31.11
C TYR A 132 -3.70 -5.30 30.24
N CYS A 133 -3.84 -5.13 28.94
CA CYS A 133 -3.55 -6.19 27.97
C CYS A 133 -4.43 -7.43 28.09
N ILE A 134 -5.70 -7.26 28.44
CA ILE A 134 -6.55 -8.44 28.56
C ILE A 134 -7.04 -8.82 27.19
N GLN A 135 -6.68 -10.02 26.76
CA GLN A 135 -7.13 -10.54 25.49
C GLN A 135 -8.62 -10.78 25.60
N GLY A 136 -9.36 -10.48 24.54
CA GLY A 136 -10.79 -10.69 24.59
C GLY A 136 -11.45 -9.96 23.47
N ASP A 137 -12.49 -10.58 22.91
CA ASP A 137 -13.22 -10.01 21.81
C ASP A 137 -12.18 -9.57 20.77
N ASN A 138 -12.31 -8.33 20.32
CA ASN A 138 -11.42 -7.80 19.32
C ASN A 138 -10.04 -7.35 19.78
N CYS A 139 -9.79 -7.32 21.08
CA CYS A 139 -8.46 -6.95 21.56
C CYS A 139 -7.72 -8.26 21.54
N PHE A 140 -6.58 -8.26 20.87
CA PHE A 140 -5.76 -9.45 20.71
C PHE A 140 -4.34 -8.88 20.75
N PRO A 141 -3.80 -8.75 21.98
CA PRO A 141 -2.58 -8.00 22.21
C PRO A 141 -1.31 -8.78 21.89
N ILE A 142 -0.23 -8.06 21.67
CA ILE A 142 1.06 -8.65 21.34
C ILE A 142 1.87 -8.65 22.62
N MET A 143 1.98 -9.82 23.23
CA MET A 143 2.72 -9.97 24.47
C MET A 143 4.22 -9.91 24.23
N PHE A 144 4.92 -9.28 25.17
CA PHE A 144 6.37 -9.17 25.09
C PHE A 144 7.00 -10.43 25.66
N PRO A 145 8.06 -10.94 25.02
CA PRO A 145 8.69 -12.14 25.55
C PRO A 145 9.65 -11.72 26.67
N LYS A 146 10.10 -12.69 27.46
CA LYS A 146 11.07 -12.40 28.49
C LYS A 146 12.32 -11.91 27.81
N ASN A 147 13.12 -11.13 28.54
CA ASN A 147 14.33 -10.53 28.02
C ASN A 147 14.06 -9.49 26.83
N ASP A 148 12.79 -8.97 26.60
CA ASP A 148 12.52 -7.95 25.59
C ASP A 148 12.68 -6.64 26.33
N PRO A 149 13.51 -5.73 25.79
CA PRO A 149 13.74 -4.44 26.43
C PRO A 149 12.56 -3.46 26.48
N LYS A 150 11.44 -3.88 25.83
CA LYS A 150 10.34 -2.91 25.88
C LYS A 150 9.52 -3.13 27.16
N LEU A 151 9.75 -4.21 27.82
CA LEU A 151 9.09 -4.56 29.07
C LEU A 151 9.40 -3.52 30.12
N LYS A 152 10.69 -3.30 30.33
CA LYS A 152 11.15 -2.36 31.32
C LYS A 152 10.75 -0.94 30.95
N THR A 153 10.26 -0.75 29.74
CA THR A 153 9.95 0.60 29.29
C THR A 153 8.55 0.98 28.82
N GLN A 154 7.81 0.02 28.31
CA GLN A 154 6.54 0.27 27.62
C GLN A 154 5.35 -0.37 28.30
N GLY A 155 5.53 -1.51 28.80
CA GLY A 155 4.44 -2.18 29.48
C GLY A 155 4.60 -3.65 29.25
N LYS A 156 3.49 -4.37 29.13
CA LYS A 156 3.58 -5.80 28.93
C LYS A 156 3.14 -6.28 27.57
N CYS A 157 2.67 -5.35 26.75
CA CYS A 157 2.19 -5.73 25.44
C CYS A 157 1.99 -4.52 24.58
N MET A 158 1.66 -4.77 23.32
CA MET A 158 1.35 -3.69 22.41
C MET A 158 -0.11 -3.97 22.07
N PRO A 159 -0.96 -2.95 22.14
CA PRO A 159 -2.37 -3.13 21.81
C PRO A 159 -2.47 -3.41 20.32
N PHE A 160 -3.43 -4.27 19.96
CA PHE A 160 -3.63 -4.67 18.59
C PHE A 160 -5.08 -5.05 18.52
N PHE A 161 -5.76 -4.64 17.45
CA PHE A 161 -7.15 -4.98 17.31
C PHE A 161 -7.38 -5.77 16.06
N ARG A 162 -8.26 -6.76 16.15
CA ARG A 162 -8.56 -7.61 15.02
C ARG A 162 -9.19 -6.80 13.91
N ALA A 163 -8.97 -7.26 12.68
CA ALA A 163 -9.47 -6.63 11.47
C ALA A 163 -11.00 -6.70 11.35
N GLY A 164 -11.57 -5.71 10.67
CA GLY A 164 -13.02 -5.70 10.48
C GLY A 164 -13.47 -6.90 9.66
N PHE A 165 -14.73 -7.36 9.88
CA PHE A 165 -15.27 -8.49 9.13
C PHE A 165 -16.67 -8.28 8.55
N VAL A 166 -16.95 -8.98 7.45
CA VAL A 166 -18.17 -8.81 6.65
C VAL A 166 -19.46 -9.12 7.40
N CYS A 167 -20.58 -8.74 6.79
CA CYS A 167 -21.90 -8.73 7.44
C CYS A 167 -21.83 -7.79 8.68
N PRO A 168 -22.16 -8.25 9.90
CA PRO A 168 -22.07 -7.35 11.09
C PRO A 168 -20.81 -6.49 11.31
N THR A 169 -20.12 -6.82 12.41
CA THR A 169 -18.87 -6.24 12.95
C THR A 169 -18.81 -6.80 14.38
N PRO A 170 -19.94 -6.69 15.12
CA PRO A 170 -20.28 -7.24 16.44
C PRO A 170 -19.70 -8.60 16.85
N PRO A 171 -20.11 -9.12 18.02
CA PRO A 171 -19.72 -10.44 18.53
C PRO A 171 -19.60 -11.49 17.42
N TYR A 172 -20.74 -12.11 17.08
CA TYR A 172 -20.95 -12.95 15.88
C TYR A 172 -20.43 -14.40 15.88
N GLN A 173 -20.81 -15.11 14.80
CA GLN A 173 -21.19 -16.59 14.71
C GLN A 173 -20.98 -17.05 13.26
N SER A 174 -21.54 -18.23 12.96
CA SER A 174 -21.81 -18.74 11.60
C SER A 174 -20.62 -19.26 10.77
N LEU A 175 -20.52 -18.81 9.52
CA LEU A 175 -19.48 -19.27 8.59
C LEU A 175 -18.09 -18.81 9.05
N ALA A 176 -17.08 -19.07 8.22
CA ALA A 176 -15.71 -18.63 8.49
C ALA A 176 -15.59 -17.12 8.39
N ARG A 177 -14.71 -16.54 9.22
CA ARG A 177 -14.49 -15.10 9.26
C ARG A 177 -13.76 -14.51 8.05
N GLU A 178 -14.41 -13.57 7.37
CA GLU A 178 -13.82 -12.94 6.20
C GLU A 178 -13.56 -11.45 6.44
N GLN A 179 -12.32 -11.01 6.21
CA GLN A 179 -11.95 -9.61 6.40
C GLN A 179 -12.43 -8.73 5.24
N ILE A 180 -12.61 -7.47 5.52
CA ILE A 180 -13.11 -6.52 4.55
C ILE A 180 -11.98 -5.82 3.77
N ASN A 181 -12.31 -5.55 2.52
CA ASN A 181 -11.43 -4.68 1.77
C ASN A 181 -12.18 -3.39 1.61
N ALA A 182 -11.73 -2.33 2.25
CA ALA A 182 -12.44 -1.05 2.20
C ALA A 182 -12.22 -0.22 0.94
N VAL A 183 -11.46 -0.74 0.00
CA VAL A 183 -11.20 -0.02 -1.24
C VAL A 183 -11.45 -0.91 -2.47
N THR A 184 -11.40 -0.32 -3.67
CA THR A 184 -11.65 -1.06 -4.90
C THR A 184 -10.45 -1.90 -5.37
N SER A 185 -10.71 -3.12 -5.84
CA SER A 185 -9.65 -4.02 -6.31
C SER A 185 -8.96 -3.57 -7.59
N PHE A 186 -9.68 -2.84 -8.43
CA PHE A 186 -9.13 -2.36 -9.71
C PHE A 186 -8.08 -1.29 -9.48
N LEU A 187 -7.00 -1.31 -10.26
CA LEU A 187 -5.97 -0.27 -10.16
C LEU A 187 -6.64 0.93 -10.81
N ASP A 188 -7.43 1.68 -10.04
CA ASP A 188 -8.16 2.80 -10.61
C ASP A 188 -7.91 4.17 -9.98
N ALA A 189 -6.79 4.34 -9.29
CA ALA A 189 -6.45 5.61 -8.64
C ALA A 189 -7.44 5.96 -7.54
N SER A 190 -8.04 4.94 -6.95
CA SER A 190 -9.01 5.13 -5.91
C SER A 190 -8.39 5.83 -4.70
N LEU A 191 -7.06 5.88 -4.63
CA LEU A 191 -6.47 6.52 -3.46
C LEU A 191 -6.43 8.04 -3.59
N VAL A 192 -6.67 8.55 -4.79
CA VAL A 192 -6.70 9.99 -4.99
C VAL A 192 -8.16 10.46 -4.90
N TYR A 193 -9.05 9.70 -5.52
CA TYR A 193 -10.46 10.06 -5.56
C TYR A 193 -11.39 9.58 -4.44
N GLY A 194 -11.01 8.52 -3.71
CA GLY A 194 -11.87 7.99 -2.66
C GLY A 194 -12.57 6.74 -3.17
N SER A 195 -13.13 5.93 -2.29
CA SER A 195 -13.89 4.72 -2.66
C SER A 195 -15.36 4.74 -2.26
N GLU A 196 -15.76 5.78 -1.59
CA GLU A 196 -17.16 6.01 -1.25
C GLU A 196 -17.63 7.29 -1.92
N PRO A 197 -18.86 7.30 -2.48
CA PRO A 197 -19.44 8.52 -3.06
C PRO A 197 -19.50 9.65 -2.05
N SEP A 198 -19.61 9.28 -0.78
CA SEP A 198 -19.57 10.22 0.33
CB SEP A 198 -19.90 9.52 1.66
OG SEP A 198 -19.50 8.15 1.66
C SEP A 198 -18.24 10.99 0.38
O SEP A 198 -18.23 12.23 0.36
P SEP A 198 -20.75 7.13 1.46
O1P SEP A 198 -22.12 7.93 1.38
O2P SEP A 198 -20.79 6.08 2.68
O3P SEP A 198 -20.57 6.33 0.08
N LEU A 199 -17.12 10.27 0.41
CA LEU A 199 -15.78 10.89 0.45
C LEU A 199 -15.39 11.56 -0.87
N ALA A 200 -15.61 10.84 -1.97
CA ALA A 200 -15.31 11.33 -3.33
C ALA A 200 -15.84 12.74 -3.58
N SER A 201 -16.99 13.04 -2.98
CA SER A 201 -17.65 14.34 -3.15
C SER A 201 -17.02 15.44 -2.30
N ARG A 202 -16.70 15.10 -1.01
CA ARG A 202 -16.07 16.04 -0.09
C ARG A 202 -14.76 16.51 -0.69
N LEU A 203 -14.09 15.59 -1.37
CA LEU A 203 -12.80 15.83 -1.99
C LEU A 203 -12.83 16.79 -3.15
N ARG A 204 -14.01 16.97 -3.72
CA ARG A 204 -14.12 17.85 -4.89
C ARG A 204 -14.47 19.28 -4.62
N ASN A 205 -14.07 20.10 -5.58
CA ASN A 205 -14.32 21.52 -5.57
C ASN A 205 -15.54 21.74 -6.46
N LEU A 206 -16.73 21.71 -5.85
CA LEU A 206 -17.95 21.88 -6.61
C LEU A 206 -18.43 23.33 -6.55
N SER A 207 -17.52 24.23 -6.21
CA SER A 207 -17.83 25.65 -6.18
C SER A 207 -17.57 26.05 -7.61
N SER A 208 -16.36 25.76 -8.07
CA SER A 208 -15.99 26.04 -9.45
C SER A 208 -16.61 24.90 -10.27
N PRO A 209 -17.06 25.25 -11.48
CA PRO A 209 -17.65 24.25 -12.37
C PRO A 209 -16.58 23.86 -13.40
N LEU A 210 -15.34 23.70 -12.92
CA LEU A 210 -14.18 23.42 -13.73
C LEU A 210 -13.62 22.01 -13.47
N GLY A 211 -14.35 21.24 -12.66
CA GLY A 211 -13.97 19.87 -12.34
C GLY A 211 -12.70 19.59 -11.56
N LEU A 212 -12.24 20.55 -10.77
CA LEU A 212 -11.02 20.37 -10.00
C LEU A 212 -11.26 19.69 -8.64
N MET A 213 -10.15 19.26 -8.05
CA MET A 213 -10.16 18.63 -6.73
C MET A 213 -9.91 19.80 -5.78
N ALA A 214 -10.51 19.73 -4.60
CA ALA A 214 -10.37 20.78 -3.60
C ALA A 214 -8.96 20.84 -3.05
N VAL A 215 -8.39 22.03 -3.04
CA VAL A 215 -7.04 22.20 -2.53
C VAL A 215 -7.05 22.97 -1.22
N ASN A 216 -5.90 22.99 -0.57
CA ASN A 216 -5.74 23.67 0.69
C ASN A 216 -5.87 25.19 0.48
N GLN A 217 -6.41 25.87 1.48
CA GLN A 217 -6.57 27.32 1.40
C GLN A 217 -5.71 28.06 2.43
N GLU A 218 -5.22 27.37 3.45
CA GLU A 218 -4.40 28.04 4.46
C GLU A 218 -2.93 28.10 4.08
N ALA A 219 -2.51 27.27 3.12
CA ALA A 219 -1.09 27.25 2.72
C ALA A 219 -0.81 26.81 1.29
N TRP A 220 0.32 27.30 0.77
CA TRP A 220 0.75 27.00 -0.60
C TRP A 220 2.23 26.60 -0.71
N ASP A 221 2.58 25.97 -1.83
CA ASP A 221 3.95 25.52 -2.09
C ASP A 221 4.37 26.24 -3.37
N HIS A 222 4.73 27.51 -3.21
CA HIS A 222 5.13 28.40 -4.31
C HIS A 222 4.03 28.52 -5.36
N GLY A 223 2.82 28.83 -4.92
CA GLY A 223 1.74 28.96 -5.87
C GLY A 223 1.18 27.62 -6.30
N LEU A 224 1.82 26.54 -5.89
CA LEU A 224 1.34 25.20 -6.23
C LEU A 224 0.45 24.74 -5.08
N ALA A 225 -0.44 23.79 -5.35
CA ALA A 225 -1.37 23.27 -4.36
C ALA A 225 -0.87 22.24 -3.36
N TYR A 226 -1.65 22.08 -2.31
CA TYR A 226 -1.38 21.13 -1.25
C TYR A 226 -2.74 20.45 -1.02
N LEU A 227 -2.74 19.29 -0.39
CA LEU A 227 -4.01 18.63 -0.12
C LEU A 227 -4.75 19.38 0.98
N PRO A 228 -6.08 19.30 0.98
CA PRO A 228 -6.84 20.00 2.03
C PRO A 228 -6.50 19.36 3.38
N PHE A 229 -6.73 20.08 4.47
CA PHE A 229 -6.47 19.54 5.80
C PHE A 229 -7.68 18.75 6.21
N ASN A 230 -7.50 17.73 7.04
CA ASN A 230 -8.64 16.97 7.49
C ASN A 230 -9.34 17.64 8.69
N ASN A 231 -10.69 17.62 8.63
CA ASN A 231 -11.62 18.18 9.65
C ASN A 231 -11.34 17.66 11.07
N LYS A 232 -11.14 16.33 11.23
CA LYS A 232 -11.15 15.57 12.47
C LYS A 232 -10.07 15.86 13.52
N LYS A 233 -10.57 16.08 14.73
CA LYS A 233 -9.80 16.28 15.95
C LYS A 233 -10.41 15.23 16.85
N PRO A 234 -9.58 14.52 17.62
CA PRO A 234 -8.13 14.65 17.67
C PRO A 234 -7.39 14.13 16.44
N SER A 235 -6.55 14.99 15.86
CA SER A 235 -5.74 14.64 14.69
C SER A 235 -4.36 14.22 15.22
N PRO A 236 -3.80 13.13 14.68
CA PRO A 236 -2.49 12.67 15.16
C PRO A 236 -1.36 13.54 14.65
N CYS A 237 -1.58 14.19 13.51
CA CYS A 237 -0.54 15.03 12.92
C CYS A 237 -0.26 16.27 13.76
N GLU A 238 -1.25 16.77 14.50
CA GLU A 238 -0.93 17.91 15.33
C GLU A 238 -0.38 17.46 16.70
N PHE A 239 -0.56 16.17 17.02
CA PHE A 239 -0.07 15.60 18.27
C PHE A 239 1.46 15.45 18.33
N ILE A 240 2.07 15.04 17.22
CA ILE A 240 3.52 14.84 17.21
C ILE A 240 4.31 16.14 17.36
N ASN A 241 3.60 17.26 17.30
CA ASN A 241 4.18 18.57 17.52
C ASN A 241 3.03 19.48 17.89
N THR A 242 2.64 19.45 19.16
CA THR A 242 1.55 20.24 19.67
C THR A 242 1.78 21.73 19.43
N THR A 243 3.04 22.08 19.22
CA THR A 243 3.46 23.45 18.99
C THR A 243 3.05 24.00 17.61
N ALA A 244 3.47 23.33 16.55
CA ALA A 244 3.17 23.77 15.19
C ALA A 244 1.72 23.59 14.78
N ARG A 245 0.99 22.77 15.52
CA ARG A 245 -0.43 22.52 15.26
C ARG A 245 -0.82 22.32 13.80
N VAL A 246 -0.23 21.33 13.13
CA VAL A 246 -0.61 21.08 11.74
C VAL A 246 -1.33 19.74 11.63
N PRO A 247 -2.58 19.77 11.12
CA PRO A 247 -3.38 18.56 10.95
C PRO A 247 -2.91 17.69 9.79
N CYS A 248 -3.52 16.52 9.66
CA CYS A 248 -3.17 15.61 8.57
C CYS A 248 -3.85 16.08 7.32
N PHE A 249 -3.51 15.46 6.20
CA PHE A 249 -4.12 15.82 4.93
C PHE A 249 -5.34 14.96 4.68
N LEU A 250 -6.32 15.54 3.97
CA LEU A 250 -7.54 14.84 3.59
C LEU A 250 -7.32 14.38 2.16
N ALA A 251 -7.28 13.07 1.94
CA ALA A 251 -7.05 12.55 0.61
C ALA A 251 -7.97 11.39 0.31
N GLY A 252 -7.89 10.86 -0.90
CA GLY A 252 -8.73 9.74 -1.29
C GLY A 252 -8.70 8.53 -0.37
N ASP A 253 -7.53 8.23 0.17
CA ASP A 253 -7.34 7.11 1.09
C ASP A 253 -6.96 7.66 2.47
N PHE A 254 -7.51 7.08 3.53
CA PHE A 254 -7.22 7.57 4.87
C PHE A 254 -5.78 7.45 5.39
N ARG A 255 -4.96 6.60 4.79
CA ARG A 255 -3.59 6.40 5.27
C ARG A 255 -2.59 7.36 4.65
N ALA A 256 -3.10 8.31 3.88
CA ALA A 256 -2.26 9.29 3.17
C ALA A 256 -1.16 9.97 3.99
N SER A 257 -1.48 10.38 5.20
CA SER A 257 -0.51 11.08 6.05
C SER A 257 0.42 10.20 6.89
N GLU A 258 0.35 8.86 6.72
CA GLU A 258 1.18 7.95 7.52
C GLU A 258 2.65 8.31 7.58
N GLN A 259 3.21 8.87 6.56
CA GLN A 259 4.61 9.18 6.59
C GLN A 259 4.87 10.22 5.51
N ILE A 260 5.62 11.24 5.88
CA ILE A 260 5.91 12.35 5.00
C ILE A 260 6.10 12.07 3.51
N LEU A 261 6.76 10.96 3.20
CA LEU A 261 7.00 10.61 1.81
C LEU A 261 5.77 10.12 1.04
N LEU A 262 4.86 9.48 1.75
CA LEU A 262 3.63 8.97 1.13
C LEU A 262 2.71 10.15 0.89
N ALA A 263 2.70 11.08 1.82
CA ALA A 263 1.88 12.30 1.73
C ALA A 263 2.36 13.09 0.52
N THR A 264 3.67 13.15 0.34
CA THR A 264 4.29 13.85 -0.77
C THR A 264 3.79 13.32 -2.12
N ALA A 265 3.88 12.02 -2.31
CA ALA A 265 3.44 11.39 -3.54
C ALA A 265 1.96 11.67 -3.80
N HIS A 266 1.17 11.68 -2.73
CA HIS A 266 -0.27 11.95 -2.82
C HIS A 266 -0.48 13.35 -3.39
N THR A 267 0.39 14.28 -2.99
CA THR A 267 0.31 15.66 -3.44
C THR A 267 0.59 15.76 -4.96
N LEU A 268 1.58 15.01 -5.44
CA LEU A 268 1.92 15.00 -6.86
C LEU A 268 0.69 14.62 -7.71
N LEU A 269 -0.02 13.59 -7.27
CA LEU A 269 -1.19 13.09 -7.98
C LEU A 269 -2.37 14.04 -7.92
N LEU A 270 -2.57 14.67 -6.77
CA LEU A 270 -3.65 15.63 -6.64
C LEU A 270 -3.41 16.72 -7.67
N ARG A 271 -2.18 17.20 -7.69
CA ARG A 271 -1.77 18.25 -8.61
C ARG A 271 -1.94 17.88 -10.07
N GLU A 272 -1.60 16.65 -10.43
CA GLU A 272 -1.73 16.24 -11.81
C GLU A 272 -3.19 16.23 -12.26
N HIS A 273 -4.09 15.97 -11.33
CA HIS A 273 -5.50 15.94 -11.68
C HIS A 273 -5.97 17.33 -12.07
N ASN A 274 -5.67 18.28 -11.20
CA ASN A 274 -6.11 19.62 -11.50
C ASN A 274 -5.46 20.14 -12.77
N ARG A 275 -4.16 19.95 -12.90
CA ARG A 275 -3.46 20.41 -14.09
C ARG A 275 -4.08 19.84 -15.38
N LEU A 276 -4.42 18.57 -15.34
CA LEU A 276 -5.03 17.81 -16.41
C LEU A 276 -6.40 18.36 -16.74
N ALA A 277 -7.09 18.83 -15.70
CA ALA A 277 -8.42 19.38 -15.85
C ALA A 277 -8.40 20.78 -16.45
N ARG A 278 -7.50 21.65 -15.98
CA ARG A 278 -7.51 22.98 -16.56
C ARG A 278 -7.07 22.90 -18.02
N GLU A 279 -6.27 21.90 -18.37
CA GLU A 279 -5.85 21.73 -19.75
C GLU A 279 -7.01 21.26 -20.62
N LEU A 280 -7.82 20.33 -20.14
CA LEU A 280 -8.96 19.83 -20.91
C LEU A 280 -9.98 20.94 -21.11
N LYS A 281 -10.09 21.81 -20.11
CA LYS A 281 -11.03 22.91 -20.19
C LYS A 281 -10.61 23.81 -21.33
N LYS A 282 -9.28 23.96 -21.53
CA LYS A 282 -8.66 24.83 -22.52
C LYS A 282 -8.92 24.35 -23.94
N LEU A 283 -9.07 23.03 -24.18
CA LEU A 283 -9.33 22.57 -25.55
C LEU A 283 -10.78 22.20 -25.80
N ASN A 284 -11.56 22.12 -24.73
CA ASN A 284 -12.96 21.78 -24.88
C ASN A 284 -13.68 22.78 -24.00
N PRO A 285 -13.50 24.06 -24.30
CA PRO A 285 -14.16 25.10 -23.51
C PRO A 285 -15.55 24.67 -23.08
N HIS A 286 -16.29 24.05 -24.00
CA HIS A 286 -17.66 23.62 -23.72
C HIS A 286 -17.95 22.47 -22.73
N TRP A 287 -16.97 21.60 -22.45
CA TRP A 287 -17.23 20.50 -21.51
C TRP A 287 -17.71 20.99 -20.14
N ASN A 288 -18.58 20.23 -19.48
CA ASN A 288 -19.04 20.65 -18.16
C ASN A 288 -18.10 20.17 -17.05
N GLY A 289 -18.41 20.57 -15.82
CA GLY A 289 -17.60 20.22 -14.67
C GLY A 289 -17.37 18.76 -14.38
N GLU A 290 -18.43 17.96 -14.42
CA GLU A 290 -18.29 16.54 -14.16
C GLU A 290 -17.46 15.95 -15.29
N LYS A 291 -17.73 16.41 -16.51
CA LYS A 291 -17.01 15.91 -17.68
C LYS A 291 -15.50 16.08 -17.45
N LEU A 292 -15.13 17.22 -16.88
CA LEU A 292 -13.72 17.47 -16.60
C LEU A 292 -13.22 16.54 -15.49
N TYR A 293 -14.01 16.37 -14.44
CA TYR A 293 -13.60 15.49 -13.35
C TYR A 293 -13.37 14.07 -13.85
N GLN A 294 -14.41 13.46 -14.39
CA GLN A 294 -14.32 12.10 -14.89
C GLN A 294 -13.20 11.82 -15.89
N GLU A 295 -13.06 12.68 -16.90
CA GLU A 295 -12.05 12.47 -17.92
C GLU A 295 -10.64 12.66 -17.36
N ALA A 296 -10.46 13.64 -16.47
CA ALA A 296 -9.15 13.83 -15.85
C ALA A 296 -8.87 12.55 -15.06
N ARG A 297 -9.85 12.17 -14.25
CA ARG A 297 -9.79 10.97 -13.43
C ARG A 297 -9.40 9.76 -14.27
N LYS A 298 -10.09 9.61 -15.39
CA LYS A 298 -9.84 8.51 -16.30
C LYS A 298 -8.38 8.48 -16.75
N ILE A 299 -7.81 9.63 -17.10
CA ILE A 299 -6.41 9.69 -17.54
C ILE A 299 -5.44 9.25 -16.43
N LEU A 300 -5.61 9.81 -15.24
CA LEU A 300 -4.74 9.49 -14.12
C LEU A 300 -4.74 8.00 -13.80
N GLY A 301 -5.90 7.37 -13.93
CA GLY A 301 -5.98 5.95 -13.67
C GLY A 301 -5.05 5.25 -14.65
N ALA A 302 -5.25 5.54 -15.94
CA ALA A 302 -4.44 4.98 -17.01
C ALA A 302 -2.97 5.18 -16.70
N PHE A 303 -2.63 6.33 -16.17
CA PHE A 303 -1.26 6.63 -15.84
C PHE A 303 -0.71 5.68 -14.76
N ILE A 304 -1.45 5.52 -13.66
CA ILE A 304 -1.01 4.65 -12.56
C ILE A 304 -0.79 3.20 -13.04
N GLN A 305 -1.61 2.74 -13.98
CA GLN A 305 -1.51 1.37 -14.49
C GLN A 305 -0.30 1.18 -15.40
N ILE A 306 0.00 2.20 -16.21
CA ILE A 306 1.13 2.14 -17.12
C ILE A 306 2.44 2.11 -16.34
N ILE A 307 2.62 3.07 -15.44
CA ILE A 307 3.83 3.10 -14.64
C ILE A 307 3.96 1.78 -13.91
N THR A 308 2.88 1.35 -13.29
CA THR A 308 2.90 0.11 -12.52
C THR A 308 3.26 -1.10 -13.36
N PHE A 309 2.54 -1.32 -14.46
CA PHE A 309 2.83 -2.49 -15.28
C PHE A 309 4.03 -2.38 -16.22
N ARG A 310 4.27 -1.19 -16.77
CA ARG A 310 5.42 -1.02 -17.66
C ARG A 310 6.73 -0.76 -16.93
N ASP A 311 6.70 0.12 -15.95
CA ASP A 311 7.89 0.51 -15.20
C ASP A 311 8.23 -0.25 -13.91
N TYR A 312 7.23 -0.42 -13.05
CA TYR A 312 7.40 -1.04 -11.74
C TYR A 312 7.44 -2.56 -11.57
N LEU A 313 6.40 -3.26 -12.01
CA LEU A 313 6.37 -4.70 -11.84
C LEU A 313 7.54 -5.51 -12.41
N PRO A 314 8.00 -5.19 -13.62
CA PRO A 314 9.13 -5.95 -14.18
C PRO A 314 10.40 -5.96 -13.33
N ILE A 315 10.55 -5.01 -12.41
CA ILE A 315 11.75 -5.00 -11.57
C ILE A 315 11.43 -5.47 -10.18
N VAL A 316 10.20 -5.93 -10.00
CA VAL A 316 9.77 -6.48 -8.74
C VAL A 316 9.85 -7.99 -9.01
N LEU A 317 9.19 -8.43 -10.09
CA LEU A 317 9.18 -9.84 -10.47
C LEU A 317 10.45 -10.33 -11.17
N GLY A 318 11.13 -9.45 -11.91
CA GLY A 318 12.34 -9.87 -12.58
C GLY A 318 12.07 -10.90 -13.66
N SER A 319 12.92 -11.91 -13.74
CA SER A 319 12.76 -12.96 -14.74
C SER A 319 11.42 -13.68 -14.67
N GLU A 320 10.79 -13.67 -13.50
CA GLU A 320 9.51 -14.34 -13.32
C GLU A 320 8.28 -13.55 -13.78
N MET A 321 8.50 -12.37 -14.38
CA MET A 321 7.40 -11.54 -14.85
C MET A 321 6.58 -12.16 -15.97
N GLN A 322 7.23 -12.51 -17.08
CA GLN A 322 6.53 -13.09 -18.23
C GLN A 322 5.79 -14.39 -17.93
N LYS A 323 6.25 -15.11 -16.92
CA LYS A 323 5.68 -16.39 -16.53
C LYS A 323 4.38 -16.35 -15.75
N TRP A 324 4.02 -15.18 -15.24
CA TRP A 324 2.78 -15.03 -14.48
C TRP A 324 1.90 -13.96 -15.11
N ILE A 325 2.52 -13.10 -15.90
CA ILE A 325 1.81 -12.02 -16.57
C ILE A 325 2.20 -11.99 -18.04
N PRO A 326 1.66 -12.94 -18.83
CA PRO A 326 1.93 -13.03 -20.27
C PRO A 326 1.43 -11.73 -20.88
N PRO A 327 1.62 -11.46 -22.13
CA PRO A 327 1.11 -10.18 -22.60
C PRO A 327 -0.42 -10.16 -22.68
N TYR A 328 -0.96 -8.95 -22.59
CA TYR A 328 -2.38 -8.69 -22.63
C TYR A 328 -3.10 -9.11 -23.94
N GLN A 329 -4.16 -9.91 -23.80
CA GLN A 329 -4.95 -10.41 -24.94
C GLN A 329 -6.35 -9.80 -25.00
N GLY A 330 -6.69 -9.02 -23.97
CA GLY A 330 -7.99 -8.39 -23.91
C GLY A 330 -8.75 -8.72 -22.63
N TYR A 331 -9.80 -7.96 -22.37
CA TYR A 331 -10.64 -8.16 -21.20
C TYR A 331 -11.22 -9.59 -21.22
N ASN A 332 -11.22 -10.22 -20.04
CA ASN A 332 -11.73 -11.59 -19.84
C ASN A 332 -12.73 -11.49 -18.69
N ASN A 333 -14.02 -11.52 -18.99
CA ASN A 333 -15.05 -11.39 -17.95
C ASN A 333 -15.20 -12.56 -16.98
N SER A 334 -14.40 -13.61 -17.17
CA SER A 334 -14.46 -14.77 -16.30
C SER A 334 -13.36 -14.75 -15.23
N VAL A 335 -12.66 -13.63 -15.15
CA VAL A 335 -11.59 -13.47 -14.17
C VAL A 335 -12.06 -12.71 -12.95
N ASP A 336 -11.77 -13.29 -11.78
CA ASP A 336 -12.11 -12.74 -10.49
C ASP A 336 -11.05 -11.67 -10.20
N PRO A 337 -11.42 -10.38 -10.34
CA PRO A 337 -10.50 -9.27 -10.11
C PRO A 337 -10.26 -8.92 -8.64
N ARG A 338 -10.97 -9.60 -7.74
CA ARG A 338 -10.88 -9.34 -6.31
C ARG A 338 -9.51 -9.61 -5.70
N ILE A 339 -9.10 -8.73 -4.80
CA ILE A 339 -7.83 -8.89 -4.10
C ILE A 339 -8.03 -10.03 -3.12
N SER A 340 -7.10 -10.99 -3.12
CA SER A 340 -7.19 -12.12 -2.22
C SER A 340 -6.71 -11.69 -0.84
N ASN A 341 -7.10 -12.43 0.18
CA ASN A 341 -6.70 -12.09 1.52
C ASN A 341 -5.18 -12.21 1.66
N VAL A 342 -4.56 -13.17 0.98
CA VAL A 342 -3.11 -13.34 1.10
C VAL A 342 -2.27 -12.25 0.43
N PHE A 343 -2.78 -11.68 -0.67
CA PHE A 343 -2.07 -10.61 -1.38
C PHE A 343 -1.76 -9.44 -0.44
N THR A 344 -2.65 -9.14 0.51
CA THR A 344 -2.40 -8.03 1.43
C THR A 344 -1.23 -8.31 2.38
N PHE A 345 -0.72 -9.55 2.38
CA PHE A 345 0.43 -9.85 3.22
C PHE A 345 1.67 -10.05 2.36
N ALA A 346 1.48 -10.53 1.13
CA ALA A 346 2.62 -10.72 0.25
C ALA A 346 3.14 -9.35 -0.19
N PHE A 347 2.21 -8.42 -0.41
CA PHE A 347 2.61 -7.09 -0.84
C PHE A 347 3.33 -6.35 0.26
N ARG A 348 3.41 -6.93 1.45
CA ARG A 348 4.09 -6.25 2.53
C ARG A 348 5.60 -6.50 2.52
N PHE A 349 6.11 -6.97 1.38
CA PHE A 349 7.53 -7.19 1.25
C PHE A 349 8.14 -5.79 1.21
N GLY A 350 7.28 -4.83 0.86
CA GLY A 350 7.72 -3.45 0.77
C GLY A 350 8.28 -2.94 2.07
N HIS A 351 7.85 -3.53 3.19
CA HIS A 351 8.32 -3.11 4.49
C HIS A 351 9.82 -3.34 4.69
N MET A 352 10.37 -4.35 4.04
CA MET A 352 11.80 -4.62 4.16
C MET A 352 12.64 -3.71 3.27
N GLU A 353 11.96 -2.82 2.55
CA GLU A 353 12.64 -1.92 1.65
C GLU A 353 12.72 -0.50 2.18
N VAL A 354 12.16 -0.27 3.36
CA VAL A 354 12.17 1.06 3.94
C VAL A 354 13.49 1.32 4.67
N PRO A 355 14.23 2.35 4.23
CA PRO A 355 15.52 2.72 4.82
C PRO A 355 15.31 3.50 6.13
N SER A 356 16.34 3.60 6.96
CA SER A 356 16.19 4.27 8.25
C SER A 356 16.07 5.78 8.28
N THR A 357 16.43 6.47 7.20
CA THR A 357 16.36 7.94 7.20
C THR A 357 15.80 8.57 5.91
N VAL A 358 15.31 9.80 6.03
CA VAL A 358 14.79 10.53 4.87
C VAL A 358 15.55 11.85 4.69
N SER A 359 15.79 12.21 3.43
CA SER A 359 16.52 13.43 3.10
C SER A 359 15.76 14.47 2.31
N ARG A 360 16.16 15.72 2.52
CA ARG A 360 15.66 16.86 1.74
C ARG A 360 16.89 17.37 1.03
N LEU A 361 16.75 17.67 -0.26
CA LEU A 361 17.87 18.15 -1.05
C LEU A 361 17.53 19.50 -1.69
N ASP A 362 18.56 20.31 -1.95
CA ASP A 362 18.33 21.63 -2.55
C ASP A 362 18.34 21.56 -4.05
N GLU A 363 18.39 22.72 -4.70
CA GLU A 363 18.39 22.78 -6.15
C GLU A 363 19.52 22.02 -6.85
N ASN A 364 20.70 21.96 -6.22
CA ASN A 364 21.84 21.24 -6.78
C ASN A 364 21.88 19.85 -6.16
N TYR A 365 20.78 19.43 -5.55
CA TYR A 365 20.71 18.12 -4.88
C TYR A 365 21.75 17.99 -3.78
N GLN A 366 21.83 19.02 -2.93
CA GLN A 366 22.76 19.07 -1.82
C GLN A 366 21.98 19.06 -0.52
N PRO A 367 22.62 18.62 0.58
CA PRO A 367 21.81 18.64 1.81
C PRO A 367 21.15 20.00 2.01
N TRP A 368 19.82 20.01 2.11
CA TRP A 368 19.06 21.24 2.29
C TRP A 368 18.98 21.58 3.76
N GLY A 369 19.86 22.47 4.19
CA GLY A 369 19.89 22.87 5.57
C GLY A 369 20.86 22.04 6.39
N PRO A 370 20.81 22.26 7.68
CA PRO A 370 21.68 21.58 8.65
C PRO A 370 21.13 20.23 9.17
N GLU A 371 19.79 20.06 9.26
CA GLU A 371 19.15 18.83 9.68
C GLU A 371 18.40 18.21 8.49
N ALA A 372 19.15 18.02 7.40
CA ALA A 372 18.65 17.47 6.13
C ALA A 372 18.29 15.99 6.14
N GLU A 373 18.95 15.23 7.00
CA GLU A 373 18.71 13.79 7.11
C GLU A 373 18.05 13.50 8.44
N LEU A 374 16.79 13.07 8.38
CA LEU A 374 16.02 12.80 9.58
C LEU A 374 15.74 11.32 9.78
N PRO A 375 15.62 10.87 11.03
CA PRO A 375 15.34 9.45 11.27
C PRO A 375 13.89 9.21 10.86
N LEU A 376 13.65 8.18 10.06
CA LEU A 376 12.32 7.87 9.57
C LEU A 376 11.22 8.02 10.61
N HIS A 377 11.50 7.64 11.86
CA HIS A 377 10.47 7.71 12.89
C HIS A 377 10.01 9.10 13.34
N THR A 378 10.67 10.16 12.91
CA THR A 378 10.22 11.51 13.26
C THR A 378 9.25 11.96 12.17
N LEU A 379 9.00 11.09 11.21
CA LEU A 379 8.13 11.43 10.10
C LEU A 379 6.75 10.78 9.99
N PHE A 380 6.45 9.83 10.88
CA PHE A 380 5.13 9.21 10.86
C PHE A 380 4.11 10.30 11.20
N PHE A 381 3.11 10.49 10.33
CA PHE A 381 2.09 11.51 10.54
C PHE A 381 2.69 12.90 10.74
N ASN A 382 3.76 13.17 10.01
CA ASN A 382 4.43 14.45 10.08
C ASN A 382 4.07 15.25 8.83
N THR A 383 3.18 16.21 9.04
CA THR A 383 2.69 17.08 7.99
C THR A 383 3.35 18.44 8.10
N TRP A 384 3.76 18.81 9.31
CA TRP A 384 4.36 20.12 9.54
C TRP A 384 5.69 20.36 8.85
N ARG A 385 6.42 19.29 8.55
CA ARG A 385 7.70 19.44 7.87
C ARG A 385 7.46 19.87 6.43
N ILE A 386 6.38 19.39 5.84
CA ILE A 386 6.06 19.77 4.48
C ILE A 386 5.63 21.23 4.50
N ILE A 387 4.54 21.51 5.20
CA ILE A 387 4.00 22.85 5.30
C ILE A 387 4.95 23.88 5.91
N LYS A 388 5.61 23.52 7.00
CA LYS A 388 6.52 24.45 7.67
C LYS A 388 8.02 24.32 7.40
N ASP A 389 8.42 23.44 6.48
CA ASP A 389 9.85 23.27 6.28
C ASP A 389 10.31 23.03 4.85
N GLY A 390 9.79 23.75 3.89
CA GLY A 390 10.30 23.65 2.50
C GLY A 390 9.41 23.19 1.34
N GLY A 391 8.20 22.72 1.62
CA GLY A 391 7.39 22.18 0.53
C GLY A 391 7.71 20.72 0.24
N ILE A 392 7.43 20.25 -0.97
CA ILE A 392 7.71 18.86 -1.30
C ILE A 392 8.89 18.70 -2.25
N ASP A 393 9.27 19.79 -2.90
CA ASP A 393 10.39 19.75 -3.82
C ASP A 393 11.64 19.13 -3.17
N PRO A 394 12.04 19.63 -1.97
CA PRO A 394 13.22 19.06 -1.30
C PRO A 394 13.06 17.53 -1.12
N LEU A 395 11.86 17.08 -0.82
CA LEU A 395 11.58 15.67 -0.58
C LEU A 395 11.53 14.86 -1.87
N VAL A 396 11.00 15.46 -2.92
CA VAL A 396 10.90 14.77 -4.20
C VAL A 396 12.29 14.53 -4.78
N ARG A 397 13.22 15.42 -4.51
CA ARG A 397 14.58 15.23 -5.01
C ARG A 397 15.22 14.05 -4.26
N GLY A 398 14.88 13.92 -2.98
CA GLY A 398 15.39 12.84 -2.16
C GLY A 398 14.87 11.53 -2.72
N LEU A 399 13.60 11.53 -3.15
CA LEU A 399 12.99 10.34 -3.73
C LEU A 399 13.78 9.90 -4.95
N LEU A 400 14.16 10.86 -5.80
CA LEU A 400 14.89 10.56 -7.02
C LEU A 400 16.36 10.23 -6.81
N ALA A 401 16.99 10.90 -5.86
CA ALA A 401 18.41 10.72 -5.64
C ALA A 401 18.91 9.74 -4.57
N LYS A 402 18.04 9.28 -3.67
CA LYS A 402 18.47 8.33 -2.66
C LYS A 402 18.07 6.91 -3.03
N LYS A 403 18.56 5.93 -2.29
CA LYS A 403 18.28 4.53 -2.58
C LYS A 403 17.27 3.86 -1.65
N SER A 404 16.65 2.80 -2.14
CA SER A 404 15.73 2.00 -1.36
C SER A 404 16.62 1.16 -0.47
N LYS A 405 16.02 0.47 0.49
CA LYS A 405 16.81 -0.42 1.33
C LYS A 405 16.65 -1.76 0.61
N LEU A 406 17.69 -2.58 0.64
CA LEU A 406 17.66 -3.88 -0.01
C LEU A 406 17.30 -4.97 1.00
N MET A 407 16.30 -5.78 0.68
CA MET A 407 15.90 -6.86 1.57
C MET A 407 17.17 -7.66 1.79
N ASN A 408 17.31 -8.21 2.99
CA ASN A 408 18.53 -8.91 3.35
C ASN A 408 18.23 -9.92 4.45
N GLN A 409 18.44 -11.20 4.17
CA GLN A 409 18.16 -12.24 5.15
C GLN A 409 18.68 -12.03 6.57
N ASP A 410 19.77 -11.27 6.72
CA ASP A 410 20.35 -10.99 8.05
C ASP A 410 19.90 -9.63 8.58
N LYS A 411 19.31 -8.82 7.70
CA LYS A 411 18.84 -7.47 8.04
C LYS A 411 17.50 -7.16 7.37
N MET A 412 16.41 -7.68 7.91
CA MET A 412 15.11 -7.48 7.31
C MET A 412 14.41 -6.12 7.44
N VAL A 413 13.91 -5.78 8.62
CA VAL A 413 13.22 -4.50 8.80
C VAL A 413 13.97 -3.50 9.68
N THR A 414 14.03 -2.24 9.24
CA THR A 414 14.74 -1.21 10.02
C THR A 414 14.12 -0.98 11.38
N SER A 415 14.97 -0.69 12.36
CA SER A 415 14.52 -0.46 13.72
C SER A 415 13.56 0.70 13.80
N GLU A 416 13.57 1.54 12.78
CA GLU A 416 12.69 2.70 12.72
C GLU A 416 11.24 2.24 12.64
N LEU A 417 11.04 1.01 12.14
CA LEU A 417 9.72 0.42 12.00
C LEU A 417 9.50 -0.73 13.00
N ARG A 418 10.57 -1.45 13.33
CA ARG A 418 10.46 -2.58 14.23
C ARG A 418 10.40 -2.20 15.69
N ASN A 419 10.72 -0.95 16.02
CA ASN A 419 10.68 -0.53 17.42
C ASN A 419 10.07 0.83 17.67
N LYS A 420 10.08 1.71 16.67
CA LYS A 420 9.57 3.05 16.88
C LYS A 420 8.42 3.52 16.01
N LEU A 421 7.53 2.60 15.63
CA LEU A 421 6.40 2.99 14.78
C LEU A 421 5.32 3.69 15.61
N PHE A 422 4.83 4.81 15.09
CA PHE A 422 3.77 5.56 15.78
C PHE A 422 2.41 5.13 15.22
N GLN A 423 1.50 4.75 16.11
CA GLN A 423 0.14 4.36 15.71
C GLN A 423 -0.74 5.58 15.92
N PRO A 424 -1.60 5.89 14.90
CA PRO A 424 -2.51 7.06 14.89
C PRO A 424 -3.44 7.14 16.09
N THR A 425 -3.45 6.08 16.86
CA THR A 425 -4.36 5.94 17.97
C THR A 425 -3.79 6.10 19.37
N HIS A 426 -2.63 5.53 19.56
CA HIS A 426 -1.92 5.56 20.83
C HIS A 426 -0.99 6.76 20.92
N LYS A 427 -0.16 6.87 21.95
CA LYS A 427 0.71 8.05 22.07
C LYS A 427 2.22 7.87 21.84
N ILE A 428 2.73 6.66 22.05
CA ILE A 428 4.15 6.37 21.87
C ILE A 428 4.65 6.11 20.46
N HIS A 429 5.92 6.38 20.30
CA HIS A 429 6.60 6.02 19.07
C HIS A 429 7.26 4.70 19.43
N GLY A 430 6.44 3.68 19.67
CA GLY A 430 7.01 2.43 20.14
C GLY A 430 6.46 1.11 19.60
N PHE A 431 5.72 1.15 18.50
CA PHE A 431 5.19 -0.08 17.96
C PHE A 431 6.20 -0.80 17.08
N ASP A 432 5.88 -2.04 16.72
CA ASP A 432 6.73 -2.93 15.93
C ASP A 432 6.00 -3.42 14.67
N LEU A 433 6.17 -2.73 13.55
CA LEU A 433 5.50 -3.12 12.31
C LEU A 433 5.64 -4.60 11.98
N ALA A 434 6.80 -5.19 12.28
CA ALA A 434 7.04 -6.60 12.00
C ALA A 434 6.09 -7.48 12.79
N ALA A 435 6.05 -7.26 14.11
CA ALA A 435 5.17 -8.03 15.00
C ALA A 435 3.71 -7.84 14.60
N ILE A 436 3.31 -6.61 14.26
CA ILE A 436 1.93 -6.37 13.81
C ILE A 436 1.66 -7.20 12.55
N ASN A 437 2.55 -7.12 11.56
CA ASN A 437 2.34 -7.91 10.36
C ASN A 437 2.10 -9.38 10.71
N LEU A 438 2.94 -9.95 11.59
CA LEU A 438 2.77 -11.35 11.97
C LEU A 438 1.45 -11.58 12.74
N GLN A 439 1.13 -10.69 13.68
CA GLN A 439 -0.11 -10.83 14.45
C GLN A 439 -1.33 -10.77 13.52
N ARG A 440 -1.23 -10.00 12.44
CA ARG A 440 -2.31 -9.85 11.48
C ARG A 440 -2.46 -11.03 10.53
N CYS A 441 -1.38 -11.76 10.30
CA CYS A 441 -1.38 -12.94 9.45
C CYS A 441 -2.37 -13.91 10.12
N ARG A 442 -2.21 -14.03 11.43
CA ARG A 442 -3.03 -14.91 12.24
C ARG A 442 -4.45 -14.40 12.36
N ASP A 443 -4.59 -13.09 12.53
CA ASP A 443 -5.90 -12.46 12.61
C ASP A 443 -6.68 -12.88 11.37
N HIS A 444 -6.03 -12.79 10.21
CA HIS A 444 -6.69 -13.15 8.96
C HIS A 444 -6.81 -14.63 8.68
N GLY A 445 -6.30 -15.45 9.59
CA GLY A 445 -6.36 -16.88 9.42
C GLY A 445 -5.70 -17.40 8.16
N MET A 446 -4.51 -16.91 7.86
CA MET A 446 -3.76 -17.33 6.69
C MET A 446 -3.17 -18.73 6.85
N PRO A 447 -3.17 -19.51 5.76
CA PRO A 447 -2.59 -20.86 5.84
C PRO A 447 -1.08 -20.70 6.05
N GLY A 448 -0.41 -21.76 6.50
CA GLY A 448 1.02 -21.69 6.73
C GLY A 448 1.85 -21.55 5.46
N TYR A 449 3.17 -21.45 5.63
CA TYR A 449 4.09 -21.31 4.51
C TYR A 449 3.99 -22.45 3.50
N ASN A 450 4.09 -23.70 3.97
CA ASN A 450 4.02 -24.83 3.05
C ASN A 450 2.71 -24.96 2.28
N SER A 451 1.63 -24.45 2.85
CA SER A 451 0.33 -24.47 2.17
C SER A 451 0.50 -23.59 0.94
N TRP A 452 1.18 -22.47 1.13
CA TRP A 452 1.38 -21.54 0.04
C TRP A 452 2.40 -22.00 -0.98
N ARG A 453 3.37 -22.81 -0.55
CA ARG A 453 4.38 -23.32 -1.48
C ARG A 453 3.74 -24.34 -2.43
N GLY A 454 2.79 -25.13 -1.91
CA GLY A 454 2.11 -26.11 -2.72
C GLY A 454 1.21 -25.42 -3.74
N PHE A 455 0.52 -24.39 -3.28
CA PHE A 455 -0.36 -23.59 -4.11
C PHE A 455 0.37 -23.14 -5.38
N CYS A 456 1.59 -22.65 -5.18
CA CYS A 456 2.40 -22.17 -6.26
C CYS A 456 3.24 -23.25 -6.95
N GLY A 457 3.02 -24.51 -6.57
CA GLY A 457 3.74 -25.60 -7.17
C GLY A 457 5.23 -25.60 -6.86
N LEU A 458 5.58 -25.22 -5.64
CA LEU A 458 6.98 -25.18 -5.21
C LEU A 458 7.16 -26.26 -4.19
N SER A 459 8.37 -26.78 -4.07
CA SER A 459 8.63 -27.84 -3.10
C SER A 459 8.27 -27.35 -1.72
N GLN A 460 7.94 -28.29 -0.84
CA GLN A 460 7.55 -27.99 0.53
C GLN A 460 8.50 -28.68 1.49
N PRO A 461 9.45 -27.94 2.08
CA PRO A 461 10.40 -28.53 3.02
C PRO A 461 9.79 -28.93 4.36
N LYS A 462 10.15 -30.11 4.85
CA LYS A 462 9.64 -30.63 6.11
C LYS A 462 10.72 -30.68 7.19
N THR A 463 11.98 -30.63 6.75
CA THR A 463 13.12 -30.72 7.66
C THR A 463 14.02 -29.50 7.64
N LEU A 464 14.82 -29.35 8.70
CA LEU A 464 15.75 -28.25 8.83
C LEU A 464 16.57 -28.22 7.54
N LYS A 465 17.15 -29.38 7.23
CA LYS A 465 17.96 -29.55 6.04
C LYS A 465 17.15 -29.15 4.82
N GLY A 466 15.87 -29.50 4.84
CA GLY A 466 15.02 -29.17 3.72
C GLY A 466 14.91 -27.66 3.56
N LEU A 467 14.67 -26.98 4.67
CA LEU A 467 14.50 -25.53 4.66
C LEU A 467 15.78 -24.71 4.41
N GLN A 468 16.95 -25.29 4.70
CA GLN A 468 18.20 -24.57 4.48
C GLN A 468 18.38 -24.45 2.97
N THR A 469 18.04 -25.54 2.30
CA THR A 469 18.13 -25.67 0.86
C THR A 469 17.25 -24.66 0.12
N VAL A 470 16.03 -24.48 0.59
CA VAL A 470 15.09 -23.54 -0.03
C VAL A 470 15.46 -22.08 0.28
N LEU A 471 15.90 -21.83 1.50
CA LEU A 471 16.29 -20.49 1.95
C LEU A 471 17.73 -20.18 1.60
N LYS A 472 18.50 -21.24 1.36
CA LYS A 472 19.92 -21.15 1.05
C LYS A 472 20.60 -20.40 2.18
N ASN A 473 20.28 -20.82 3.40
CA ASN A 473 20.84 -20.20 4.59
C ASN A 473 20.69 -21.11 5.82
N LYS A 474 21.81 -21.54 6.39
CA LYS A 474 21.79 -22.40 7.56
C LYS A 474 21.33 -21.66 8.83
N ILE A 475 21.97 -20.53 9.11
CA ILE A 475 21.62 -19.74 10.29
C ILE A 475 20.13 -19.44 10.32
N LEU A 476 19.63 -18.76 9.29
CA LEU A 476 18.20 -18.40 9.23
C LEU A 476 17.26 -19.59 9.34
N ALA A 477 17.54 -20.63 8.56
CA ALA A 477 16.71 -21.83 8.59
C ALA A 477 16.58 -22.39 10.01
N LYS A 478 17.67 -22.29 10.75
CA LYS A 478 17.80 -22.79 12.12
C LYS A 478 16.99 -21.96 13.08
N LYS A 479 17.23 -20.66 13.06
CA LYS A 479 16.52 -19.75 13.94
C LYS A 479 15.03 -20.01 13.79
N LEU A 480 14.59 -20.01 12.53
CA LEU A 480 13.21 -20.24 12.16
C LEU A 480 12.67 -21.56 12.70
N MET A 481 13.43 -22.64 12.51
CA MET A 481 13.02 -23.96 13.00
C MET A 481 12.83 -23.99 14.50
N ASP A 482 13.76 -23.38 15.23
CA ASP A 482 13.68 -23.36 16.68
C ASP A 482 12.43 -22.68 17.20
N LEU A 483 11.99 -21.65 16.49
CA LEU A 483 10.80 -20.90 16.88
C LEU A 483 9.49 -21.59 16.49
N TYR A 484 9.49 -22.14 15.28
CA TYR A 484 8.26 -22.67 14.67
C TYR A 484 8.13 -24.19 14.74
N LYS A 485 9.20 -24.88 15.12
CA LYS A 485 9.21 -26.32 15.13
C LYS A 485 8.85 -27.07 13.83
N THR A 486 8.10 -26.45 12.94
CA THR A 486 7.84 -27.18 11.70
C THR A 486 7.66 -26.17 10.57
N PRO A 487 8.16 -26.34 9.34
CA PRO A 487 7.97 -25.38 8.27
C PRO A 487 6.49 -25.21 7.93
N ASP A 488 5.67 -26.18 8.33
CA ASP A 488 4.25 -26.09 8.05
C ASP A 488 3.70 -24.88 8.79
N ASN A 489 4.29 -24.59 9.94
CA ASN A 489 3.85 -23.47 10.77
C ASN A 489 4.40 -22.08 10.48
N ILE A 490 5.46 -21.94 9.67
CA ILE A 490 5.99 -20.61 9.41
C ILE A 490 4.91 -19.71 8.82
N ASP A 491 4.71 -18.55 9.43
CA ASP A 491 3.73 -17.56 8.96
C ASP A 491 4.19 -17.12 7.56
N ILE A 492 3.26 -17.04 6.61
CA ILE A 492 3.59 -16.65 5.24
C ILE A 492 4.32 -15.32 5.08
N TRP A 493 3.99 -14.32 5.89
CA TRP A 493 4.67 -13.04 5.76
C TRP A 493 6.19 -13.20 5.90
N ILE A 494 6.61 -13.90 6.94
CA ILE A 494 8.03 -14.11 7.14
C ILE A 494 8.49 -15.26 6.27
N GLY A 495 7.60 -16.20 6.00
CA GLY A 495 7.99 -17.29 5.15
C GLY A 495 8.41 -16.75 3.79
N GLY A 496 7.49 -16.07 3.13
CA GLY A 496 7.76 -15.52 1.81
C GLY A 496 8.95 -14.58 1.69
N ASN A 497 9.12 -13.69 2.66
CA ASN A 497 10.21 -12.75 2.61
C ASN A 497 11.59 -13.31 2.95
N ALA A 498 11.63 -14.48 3.57
CA ALA A 498 12.91 -15.11 3.92
C ALA A 498 13.60 -15.72 2.70
N GLU A 499 12.82 -16.12 1.70
CA GLU A 499 13.38 -16.72 0.50
C GLU A 499 14.31 -15.77 -0.28
N PRO A 500 15.41 -16.31 -0.81
CA PRO A 500 16.33 -15.44 -1.55
C PRO A 500 15.61 -14.91 -2.81
N MET A 501 16.09 -13.78 -3.34
CA MET A 501 15.46 -13.18 -4.51
C MET A 501 15.66 -13.87 -5.84
N VAL A 502 14.75 -13.57 -6.77
CA VAL A 502 14.82 -14.13 -8.11
C VAL A 502 15.67 -13.19 -8.95
N GLU A 503 16.16 -13.74 -10.05
CA GLU A 503 16.99 -13.03 -11.00
C GLU A 503 16.32 -11.73 -11.47
N ARG A 504 17.03 -10.61 -11.29
CA ARG A 504 16.55 -9.28 -11.69
C ARG A 504 15.31 -8.77 -10.96
N GLY A 505 14.89 -9.47 -9.92
CA GLY A 505 13.72 -9.05 -9.18
C GLY A 505 14.07 -8.61 -7.77
N ARG A 506 13.05 -8.47 -6.92
CA ARG A 506 13.28 -8.05 -5.55
C ARG A 506 12.48 -8.86 -4.53
N VAL A 507 11.91 -9.97 -4.99
CA VAL A 507 11.15 -10.86 -4.13
C VAL A 507 11.51 -12.27 -4.59
N GLY A 508 11.17 -13.28 -3.80
CA GLY A 508 11.51 -14.65 -4.17
C GLY A 508 10.47 -15.43 -4.95
N PRO A 509 10.71 -16.73 -5.18
CA PRO A 509 9.79 -17.59 -5.92
C PRO A 509 8.36 -17.57 -5.37
N LEU A 510 8.20 -17.80 -4.06
CA LEU A 510 6.86 -17.81 -3.48
C LEU A 510 6.15 -16.48 -3.67
N LEU A 511 6.76 -15.38 -3.22
CA LEU A 511 6.12 -14.08 -3.37
C LEU A 511 5.83 -13.74 -4.84
N ALA A 512 6.79 -14.00 -5.73
CA ALA A 512 6.61 -13.70 -7.16
C ALA A 512 5.32 -14.33 -7.68
N CYS A 513 5.08 -15.57 -7.29
CA CYS A 513 3.88 -16.30 -7.69
C CYS A 513 2.64 -15.64 -7.16
N LEU A 514 2.64 -15.32 -5.87
CA LEU A 514 1.48 -14.67 -5.28
C LEU A 514 1.23 -13.28 -5.88
N LEU A 515 2.26 -12.45 -5.93
CA LEU A 515 2.08 -11.12 -6.52
C LEU A 515 1.68 -11.24 -7.98
N GLY A 516 2.45 -12.02 -8.74
CA GLY A 516 2.18 -12.21 -10.15
C GLY A 516 0.75 -12.55 -10.51
N ARG A 517 0.18 -13.53 -9.82
CA ARG A 517 -1.20 -13.94 -10.11
C ARG A 517 -2.19 -12.80 -9.90
N GLN A 518 -2.06 -12.14 -8.76
CA GLN A 518 -2.96 -11.03 -8.42
C GLN A 518 -3.01 -9.96 -9.49
N PHE A 519 -1.85 -9.46 -9.87
CA PHE A 519 -1.78 -8.42 -10.88
C PHE A 519 -2.30 -8.88 -12.24
N GLN A 520 -2.00 -10.12 -12.60
CA GLN A 520 -2.49 -10.67 -13.85
C GLN A 520 -4.01 -10.57 -13.79
N GLN A 521 -4.55 -10.97 -12.65
CA GLN A 521 -5.99 -10.94 -12.46
C GLN A 521 -6.63 -9.55 -12.45
N ILE A 522 -6.02 -8.56 -11.79
CA ILE A 522 -6.65 -7.24 -11.77
C ILE A 522 -6.56 -6.56 -13.13
N ARG A 523 -5.62 -7.01 -13.97
CA ARG A 523 -5.47 -6.46 -15.31
C ARG A 523 -6.48 -7.16 -16.24
N ASP A 524 -6.44 -8.48 -16.27
CA ASP A 524 -7.34 -9.25 -17.14
C ASP A 524 -8.83 -9.12 -16.79
N GLY A 525 -9.15 -8.85 -15.53
CA GLY A 525 -10.55 -8.71 -15.16
C GLY A 525 -11.06 -7.29 -15.10
N ASP A 526 -10.22 -6.31 -15.41
CA ASP A 526 -10.61 -4.90 -15.35
C ASP A 526 -11.15 -4.40 -16.68
N ARG A 527 -12.47 -4.29 -16.77
CA ARG A 527 -13.12 -3.84 -17.99
C ARG A 527 -12.60 -2.51 -18.47
N PHE A 528 -12.02 -1.73 -17.56
CA PHE A 528 -11.49 -0.43 -17.97
C PHE A 528 -9.97 -0.39 -18.04
N TRP A 529 -9.34 -1.54 -18.27
CA TRP A 529 -7.91 -1.55 -18.40
C TRP A 529 -7.66 -0.63 -19.60
N TRP A 530 -6.71 0.29 -19.48
CA TRP A 530 -6.43 1.27 -20.53
C TRP A 530 -6.22 0.72 -21.96
N GLU A 531 -5.64 -0.47 -22.06
CA GLU A 531 -5.38 -1.11 -23.34
C GLU A 531 -6.60 -1.81 -23.91
N ASN A 532 -7.63 -1.95 -23.08
CA ASN A 532 -8.84 -2.62 -23.54
C ASN A 532 -9.46 -1.81 -24.66
N PRO A 533 -9.51 -2.39 -25.88
CA PRO A 533 -10.08 -1.68 -27.04
C PRO A 533 -11.43 -1.04 -26.76
N GLY A 534 -11.56 0.24 -27.09
CA GLY A 534 -12.81 0.92 -26.86
C GLY A 534 -12.82 1.80 -25.63
N VAL A 535 -11.94 1.52 -24.67
CA VAL A 535 -11.86 2.32 -23.45
C VAL A 535 -11.21 3.66 -23.77
N PHE A 536 -10.19 3.62 -24.63
CA PHE A 536 -9.51 4.83 -25.10
C PHE A 536 -9.45 4.69 -26.63
N THR A 537 -8.96 5.70 -27.31
CA THR A 537 -8.84 5.63 -28.77
C THR A 537 -7.39 5.31 -29.12
N GLU A 538 -7.18 4.71 -30.28
CA GLU A 538 -5.84 4.37 -30.75
C GLU A 538 -4.92 5.57 -30.56
N LYS A 539 -5.38 6.73 -31.04
CA LYS A 539 -4.59 7.94 -30.94
C LYS A 539 -4.38 8.35 -29.50
N GLN A 540 -5.37 8.07 -28.64
CA GLN A 540 -5.25 8.41 -27.22
C GLN A 540 -4.26 7.49 -26.54
N ARG A 541 -4.32 6.20 -26.86
CA ARG A 541 -3.38 5.25 -26.27
C ARG A 541 -1.94 5.57 -26.66
N ASP A 542 -1.73 5.93 -27.93
CA ASP A 542 -0.40 6.30 -28.44
C ASP A 542 0.22 7.40 -27.58
N SER A 543 -0.61 8.37 -27.20
CA SER A 543 -0.17 9.50 -26.40
C SER A 543 0.16 9.08 -24.97
N LEU A 544 -0.57 8.08 -24.48
CA LEU A 544 -0.39 7.59 -23.10
C LEU A 544 0.83 6.71 -22.82
N GLN A 545 1.46 6.10 -23.83
CA GLN A 545 2.64 5.30 -23.54
C GLN A 545 3.83 6.21 -23.39
N LYS A 546 3.61 7.50 -23.61
CA LYS A 546 4.69 8.46 -23.50
C LYS A 546 4.77 9.08 -22.12
N VAL A 547 3.88 8.66 -21.22
CA VAL A 547 3.90 9.19 -19.87
C VAL A 547 5.05 8.55 -19.13
N SER A 548 5.58 9.26 -18.15
CA SER A 548 6.68 8.78 -17.34
C SER A 548 6.59 9.54 -16.03
N PHE A 549 7.02 8.90 -14.95
CA PHE A 549 6.95 9.54 -13.65
C PHE A 549 7.85 10.77 -13.62
N SER A 550 8.92 10.74 -14.41
CA SER A 550 9.83 11.87 -14.50
C SER A 550 9.02 13.08 -14.93
N ARG A 551 8.28 12.92 -16.01
CA ARG A 551 7.43 13.98 -16.53
C ARG A 551 6.49 14.47 -15.40
N LEU A 552 5.79 13.55 -14.75
CA LEU A 552 4.89 13.93 -13.67
C LEU A 552 5.58 14.93 -12.75
N ILE A 553 6.86 14.71 -12.50
CA ILE A 553 7.63 15.60 -11.63
C ILE A 553 7.78 16.98 -12.26
N CYS A 554 8.21 17.02 -13.52
CA CYS A 554 8.40 18.27 -14.22
C CYS A 554 7.13 19.11 -14.25
N ASP A 555 6.02 18.51 -14.66
CA ASP A 555 4.77 19.25 -14.73
C ASP A 555 4.18 19.69 -13.40
N ASN A 556 4.69 19.17 -12.28
CA ASN A 556 4.09 19.50 -10.98
C ASN A 556 4.93 19.95 -9.80
N THR A 557 6.16 20.37 -10.06
CA THR A 557 7.06 20.86 -9.01
C THR A 557 7.93 21.89 -9.71
N HIS A 558 9.00 22.31 -9.08
CA HIS A 558 9.88 23.27 -9.74
C HIS A 558 11.25 22.63 -9.93
N ILE A 559 11.26 21.30 -9.86
CA ILE A 559 12.45 20.47 -10.05
C ILE A 559 12.75 20.63 -11.55
N THR A 560 14.01 20.82 -11.94
CA THR A 560 14.33 20.95 -13.38
C THR A 560 15.20 19.84 -13.95
N LYS A 561 16.01 19.19 -13.11
CA LYS A 561 16.86 18.09 -13.56
C LYS A 561 16.28 16.82 -12.93
N VAL A 562 15.94 15.84 -13.77
CA VAL A 562 15.37 14.59 -13.30
C VAL A 562 16.00 13.43 -14.05
N PRO A 563 15.89 12.20 -13.50
CA PRO A 563 16.46 11.04 -14.18
C PRO A 563 15.48 10.61 -15.25
N LEU A 564 15.93 9.88 -16.25
CA LEU A 564 15.03 9.47 -17.32
C LEU A 564 14.32 8.20 -16.93
N HIS A 565 14.92 7.45 -16.01
CA HIS A 565 14.36 6.20 -15.48
C HIS A 565 14.43 6.40 -13.98
N ALA A 566 13.33 6.89 -13.41
CA ALA A 566 13.26 7.21 -12.00
C ALA A 566 13.36 6.08 -11.00
N PHE A 567 13.05 4.85 -11.40
CA PHE A 567 13.11 3.74 -10.44
C PHE A 567 14.48 3.12 -10.19
N GLN A 568 15.37 3.16 -11.18
CA GLN A 568 16.70 2.60 -10.98
C GLN A 568 17.53 3.65 -10.25
N ALA A 569 18.65 3.24 -9.67
CA ALA A 569 19.51 4.18 -8.94
C ALA A 569 20.17 5.18 -9.90
N ASN A 570 19.98 6.48 -9.66
CA ASN A 570 20.54 7.54 -10.51
C ASN A 570 21.47 8.46 -9.74
N ASN A 571 22.60 8.82 -10.34
CA ASN A 571 23.53 9.71 -9.66
C ASN A 571 23.47 11.14 -10.22
N TYR A 572 23.62 12.11 -9.33
CA TYR A 572 23.61 13.50 -9.74
C TYR A 572 25.07 13.96 -9.84
N PRO A 573 25.43 14.62 -10.98
CA PRO A 573 24.56 15.04 -12.08
C PRO A 573 24.55 14.16 -13.35
N HIS A 574 25.53 13.28 -13.51
CA HIS A 574 25.61 12.43 -14.70
C HIS A 574 24.28 11.84 -15.19
N ASP A 575 23.52 11.21 -14.31
CA ASP A 575 22.25 10.60 -14.71
C ASP A 575 21.05 11.51 -14.90
N PHE A 576 21.14 12.75 -14.45
CA PHE A 576 20.01 13.68 -14.55
C PHE A 576 20.03 14.55 -15.80
N VAL A 577 18.86 14.72 -16.43
CA VAL A 577 18.73 15.54 -17.62
C VAL A 577 17.72 16.67 -17.37
N ASP A 578 17.69 17.65 -18.27
CA ASP A 578 16.78 18.78 -18.14
C ASP A 578 15.36 18.37 -18.52
N CYS A 579 14.40 18.84 -17.73
CA CYS A 579 13.01 18.53 -17.93
C CYS A 579 12.46 18.74 -19.33
N SER A 580 13.11 19.60 -20.11
CA SER A 580 12.62 19.88 -21.45
C SER A 580 13.05 18.82 -22.47
N THR A 581 13.85 17.87 -22.01
CA THR A 581 14.33 16.77 -22.81
C THR A 581 13.41 15.60 -22.62
N VAL A 582 12.23 15.89 -22.02
CA VAL A 582 11.33 14.80 -21.66
C VAL A 582 9.92 14.70 -22.26
N ASP A 583 9.63 13.53 -22.84
CA ASP A 583 8.34 13.19 -23.45
C ASP A 583 7.15 13.77 -22.65
N LYS A 584 6.40 14.69 -23.26
CA LYS A 584 5.22 15.26 -22.60
C LYS A 584 3.97 14.49 -23.04
N LEU A 585 2.96 14.44 -22.18
CA LEU A 585 1.72 13.76 -22.54
C LEU A 585 0.91 14.73 -23.41
N ASP A 586 0.81 14.43 -24.70
CA ASP A 586 0.08 15.29 -25.62
C ASP A 586 -1.41 15.02 -25.54
N LEU A 587 -2.14 16.02 -25.05
CA LEU A 587 -3.58 15.89 -24.89
C LEU A 587 -4.41 16.23 -26.12
N SER A 588 -3.74 16.55 -27.23
CA SER A 588 -4.47 16.89 -28.44
C SER A 588 -5.52 15.84 -28.86
N PRO A 589 -5.23 14.52 -28.67
CA PRO A 589 -6.18 13.45 -29.04
C PRO A 589 -7.49 13.45 -28.23
N TRP A 590 -7.63 14.32 -27.21
CA TRP A 590 -8.83 14.36 -26.38
C TRP A 590 -9.72 15.53 -26.79
N ALA A 591 -9.40 16.17 -27.91
CA ALA A 591 -10.17 17.30 -28.41
C ALA A 591 -11.51 16.84 -29.03
N SER A 592 -12.57 17.59 -28.80
CA SER A 592 -13.90 17.23 -29.31
C SER A 592 -14.60 18.34 -30.12
N ARG A 593 -14.82 18.07 -31.41
CA ARG A 593 -15.46 19.03 -32.33
C ARG A 593 -16.96 18.75 -32.60
N GLU A 594 -17.77 19.80 -32.53
CA GLU A 594 -19.24 19.76 -32.70
C GLU A 594 -19.86 19.05 -33.91
N ASN A 595 -19.83 19.72 -35.07
CA ASN A 595 -20.42 19.19 -36.30
C ASN A 595 -19.45 18.37 -37.16
C1 NAG B . 19.69 -1.32 -12.96
C2 NAG B . 20.60 -2.19 -13.82
C3 NAG B . 20.30 -1.95 -15.30
C4 NAG B . 18.85 -2.33 -15.61
C5 NAG B . 17.94 -1.47 -14.69
C6 NAG B . 16.50 -1.93 -14.73
C7 NAG B . 22.85 -2.91 -13.43
C8 NAG B . 24.20 -2.72 -14.11
N2 NAG B . 21.98 -1.91 -13.51
O3 NAG B . 21.18 -2.71 -16.11
O4 NAG B . 18.62 -2.08 -17.04
O5 NAG B . 18.33 -1.60 -13.27
O6 NAG B . 16.25 -2.85 -13.66
O7 NAG B . 22.59 -3.98 -12.86
C1 NAG B . 17.42 -2.43 -17.69
C2 NAG B . 16.93 -1.23 -18.55
C3 NAG B . 16.91 -1.42 -20.11
C4 NAG B . 16.57 -2.84 -20.61
C5 NAG B . 16.51 -3.82 -19.43
C6 NAG B . 16.54 -5.26 -19.86
C7 NAG B . 15.31 0.46 -18.11
C8 NAG B . 14.31 0.91 -19.17
N2 NAG B . 15.62 -0.82 -18.10
O3 NAG B . 18.16 -1.03 -20.65
O4 NAG B . 15.31 -2.87 -21.36
O5 NAG B . 17.63 -3.59 -18.54
O6 NAG B . 15.27 -5.67 -20.37
O7 NAG B . 15.79 1.29 -17.33
C1 MAN B . 15.30 -2.58 -22.74
C2 MAN B . 14.09 -3.24 -23.44
C3 MAN B . 14.01 -2.76 -24.90
C4 MAN B . 15.33 -2.12 -25.35
C5 MAN B . 16.58 -2.87 -24.79
C6 MAN B . 17.85 -2.11 -25.07
O2 MAN B . 12.88 -2.95 -22.76
O3 MAN B . 12.96 -1.80 -25.03
O4 MAN B . 15.39 -2.10 -26.77
O5 MAN B . 16.51 -3.06 -23.34
O6 MAN B . 18.98 -2.76 -24.51
C1 NAG C . -12.26 25.91 -6.07
C2 NAG C . -11.21 26.38 -5.06
C3 NAG C . -11.11 27.92 -5.03
C4 NAG C . -10.99 28.48 -6.46
C5 NAG C . -12.16 27.96 -7.30
C6 NAG C . -12.21 28.47 -8.73
C7 NAG C . -10.95 24.80 -3.24
C8 NAG C . -11.35 24.36 -1.84
N2 NAG C . -11.57 25.88 -3.74
O3 NAG C . -9.97 28.30 -4.28
O4 NAG C . -10.96 29.93 -6.48
O5 NAG C . -12.08 26.52 -7.36
O6 NAG C . -11.08 28.06 -9.47
O7 NAG C . -10.08 24.17 -3.85
C1 NAG C . -9.75 30.46 -6.91
C2 NAG C . -9.90 31.90 -7.46
C3 NAG C . -8.75 32.86 -7.07
C4 NAG C . -7.41 32.21 -6.64
C5 NAG C . -7.51 30.72 -6.26
C6 NAG C . -6.60 30.38 -5.10
C7 NAG C . -11.15 31.78 -9.52
C8 NAG C . -11.15 31.13 -10.90
N2 NAG C . -9.97 31.86 -8.91
O3 NAG C . -9.18 33.76 -6.06
O4 NAG C . -6.44 32.38 -7.66
O5 NAG C . -8.83 30.41 -5.83
O6 NAG C . -7.05 30.98 -3.91
O7 NAG C . -12.20 32.17 -9.02
C1 NAG D . 7.58 21.76 16.18
C2 NAG D . 9.05 21.37 16.33
C3 NAG D . 9.94 22.57 16.34
C4 NAG D . 9.67 23.41 15.12
C5 NAG D . 8.19 23.80 15.06
C6 NAG D . 7.89 24.56 13.77
C7 NAG D . 9.33 19.29 17.50
C8 NAG D . 9.15 18.56 18.82
N2 NAG D . 9.26 20.62 17.54
O3 NAG D . 11.29 22.16 16.32
O4 NAG D . 10.49 24.57 15.18
O5 NAG D . 7.37 22.63 15.04
O6 NAG D . 6.54 24.43 13.37
O7 NAG D . 9.51 18.65 16.47
C1 NAG D . 10.91 25.43 14.09
C2 NAG D . 10.84 26.90 14.40
C3 NAG D . 11.71 27.74 13.49
C4 NAG D . 13.17 27.25 13.49
C5 NAG D . 13.30 25.79 13.94
C6 NAG D . 13.48 25.58 15.45
C7 NAG D . 8.83 27.75 15.40
C8 NAG D . 7.59 28.63 15.23
N2 NAG D . 9.46 27.36 14.31
O3 NAG D . 11.67 29.08 13.95
O4 NAG D . 13.73 27.37 12.17
O5 NAG D . 12.16 25.02 13.49
O6 NAG D . 14.39 24.51 15.72
O7 NAG D . 9.20 27.44 16.53
C1 MAN D . 14.81 28.31 11.96
C2 MAN D . 15.91 28.08 13.02
C3 MAN D . 16.44 29.42 13.53
C4 MAN D . 16.62 30.40 12.37
C5 MAN D . 15.27 30.66 11.68
C6 MAN D . 15.35 30.71 10.16
O2 MAN D . 16.98 27.34 12.44
O3 MAN D . 17.68 29.23 14.20
O4 MAN D . 17.17 31.62 12.84
O5 MAN D . 14.28 29.64 12.03
O6 MAN D . 14.11 31.09 9.58
C1 NAG E . -10.23 -16.31 -19.30
C2 NAG E . -9.58 -17.07 -20.46
C3 NAG E . -9.30 -18.60 -20.20
C4 NAG E . -9.46 -19.14 -18.75
C5 NAG E . -10.23 -18.16 -17.84
C6 NAG E . -10.08 -18.46 -16.36
C7 NAG E . -9.95 -16.57 -22.81
C8 NAG E . -10.59 -17.22 -24.03
N2 NAG E . -10.44 -16.94 -21.62
O3 NAG E . -7.97 -18.88 -20.62
O4 NAG E . -10.14 -20.43 -18.76
O5 NAG E . -9.77 -16.82 -18.05
O6 NAG E . -8.94 -17.84 -15.81
O7 NAG E . -9.05 -15.75 -22.94
C1 NAG E . -9.39 -21.61 -18.90
C2 NAG E . -9.39 -22.44 -17.58
C3 NAG E . -9.16 -23.98 -17.74
C4 NAG E . -9.45 -24.58 -19.14
C5 NAG E . -9.21 -23.56 -20.23
C6 NAG E . -9.61 -24.05 -21.61
C7 NAG E . -8.51 -21.50 -15.51
C8 NAG E . -7.29 -21.47 -14.60
N2 NAG E . -8.30 -21.93 -16.75
O3 NAG E . -9.96 -24.67 -16.79
O4 NAG E . -8.63 -25.71 -19.35
O5 NAG E . -9.98 -22.37 -19.96
O6 NAG E . -8.88 -23.38 -22.63
O7 NAG E . -9.61 -21.15 -15.09
CHA HEM F . 0.24 -2.03 6.11
CHB HEM F . 3.26 1.11 7.83
CHC HEM F . 5.36 1.06 3.59
CHD HEM F . 2.70 -2.48 1.98
C1A HEM F . 0.83 -1.23 6.96
C2A HEM F . 0.39 -1.00 8.38
C3A HEM F . 1.24 -0.10 8.85
C4A HEM F . 2.18 0.22 7.79
CMA HEM F . 1.23 0.50 10.26
CAA HEM F . -0.82 -1.71 9.05
CBA HEM F . -0.50 -3.08 9.62
CGA HEM F . -1.72 -3.84 10.10
O1A HEM F . -2.48 -3.36 11.03
O2A HEM F . -1.90 -4.97 9.52
C1B HEM F . 4.08 1.45 6.77
C2B HEM F . 4.98 2.58 6.74
C3B HEM F . 5.57 2.52 5.53
C4B HEM F . 4.99 1.43 4.81
CMB HEM F . 5.28 3.58 7.86
CAB HEM F . 6.66 3.47 4.90
CBB HEM F . 7.53 4.21 5.67
C1C HEM F . 4.87 0.10 2.76
C2C HEM F . 5.41 -0.28 1.42
C3C HEM F . 4.64 -1.31 0.97
C4C HEM F . 3.68 -1.54 2.02
CMC HEM F . 6.64 0.36 0.66
CAC HEM F . 4.68 -2.14 -0.38
CBC HEM F . 5.46 -1.95 -1.45
C1D HEM F . 1.75 -2.62 2.99
C2D HEM F . 0.61 -3.36 2.74
C3D HEM F . -0.18 -3.28 4.04
C4D HEM F . 0.63 -2.40 4.85
CMD HEM F . 0.17 -4.17 1.54
CAD HEM F . -1.58 -4.05 4.17
CBD HEM F . -2.80 -3.13 3.63
CGD HEM F . -4.20 -3.61 3.97
O1D HEM F . -4.89 -4.05 3.04
O2D HEM F . -4.63 -3.56 5.17
NA HEM F . 1.89 -0.48 6.66
NB HEM F . 4.06 0.81 5.58
NC HEM F . 3.83 -0.69 3.10
ND HEM F . 1.75 -2.01 4.22
FE HEM F . 2.68 -0.49 4.82
C2 ISZ G . -1.70 1.89 7.86
C4 ISZ G . -1.31 1.28 6.66
N1 ISZ G . -0.44 1.81 5.79
C5 ISZ G . 0.08 3.03 6.11
C3 ISZ G . -0.26 3.73 7.29
C1 ISZ G . -1.17 3.15 8.18
C6 ISZ G . -1.60 3.80 9.48
O1 ISZ G . -2.65 4.46 9.47
N2 ISZ G . -0.87 3.64 10.61
N3 ISZ G . 0.20 3.86 11.53
I IOD H . -6.33 -16.27 0.69
I IOD I . 13.34 -12.26 22.78
I IOD J . 18.54 -5.64 -11.34
I IOD K . -8.12 23.45 4.09
I IOD L . 1.13 -1.54 -19.65
I IOD M . 16.31 21.17 -9.25
I IOD N . 12.55 -32.16 3.16
CA CA O . -8.54 0.75 -6.51
S SCN P . -16.19 11.80 4.67
C SCN P . -17.83 12.44 4.18
N SCN P . -18.89 12.88 3.79
#